data_7WH7
#
_entry.id   7WH7
#
_cell.length_a   55.318
_cell.length_b   119.687
_cell.length_c   60.906
_cell.angle_alpha   90.000
_cell.angle_beta   102.200
_cell.angle_gamma   90.000
#
_symmetry.space_group_name_H-M   'P 1 21 1'
#
loop_
_entity.id
_entity.type
_entity.pdbx_description
1 polymer Beta-xylanase
2 branched beta-D-xylopyranose-(1-4)-alpha-D-xylopyranose
3 branched alpha-D-mannopyranose-(1-2)-[alpha-D-mannopyranose-(1-6)]alpha-D-mannopyranose-(1-3)-[alpha-D-mannopyranose-(1-6)]beta-D-mannopyranose-(1-4)-2-acetamido-2-deoxy-beta-D-glucopyranose-(1-4)-2-acetamido-2-deoxy-beta-D-glucopyranose
4 branched alpha-D-mannopyranose-(1-2)-alpha-D-mannopyranose-(1-2)-alpha-D-mannopyranose-(1-3)-[alpha-D-mannopyranose-(1-6)]beta-D-mannopyranose-(1-4)-2-acetamido-2-deoxy-beta-D-glucopyranose-(1-4)-2-acetamido-2-deoxy-beta-D-glucopyranose
5 water water
#
_entity_poly.entity_id   1
_entity_poly.type   'polypeptide(L)'
_entity_poly.pdbx_seq_one_letter_code
;EAEAAGLNTAAKAKGLKYFGSATDNPELTDSAYVAQLSNTDDFGQITPGNSMKWDATEPSQNSFSFANGDAVVNLANKNG
QLMRCHTLVWHSQLPNWVSSGSWTNATLLAAMKNHITNVVTHYKGKCYAWDVVNEALNEDGTFRNSVFYQIIGPAYIPIA
FATAAAADPDVKLYYNDYSIEYSGAKATAAQNIVKMIKAYGAKIDGVGLQAHFIVGSTPSQSDLTTVLKGYTALGVEVAY
TELDIRMQLPSTAAKLAQQSTDFQGVAAACVSTTGCVGVTIWDWTDKYSWVPSVFQGYGAPLPWDENYVKKPAYDGLMAG
LGASGSGTT
;
_entity_poly.pdbx_strand_id   A,B
#
loop_
_chem_comp.id
_chem_comp.type
_chem_comp.name
_chem_comp.formula
BMA D-saccharide, beta linking beta-D-mannopyranose 'C6 H12 O6'
MAN D-saccharide, alpha linking alpha-D-mannopyranose 'C6 H12 O6'
NAG D-saccharide, beta linking 2-acetamido-2-deoxy-beta-D-glucopyranose 'C8 H15 N O6'
XYP D-saccharide, beta linking beta-D-xylopyranose 'C5 H10 O5'
XYS D-saccharide, alpha linking alpha-D-xylopyranose 'C5 H10 O5'
#
# COMPACT_ATOMS: atom_id res chain seq x y z
N ALA A 5 37.75 -2.68 -29.02
CA ALA A 5 37.47 -1.23 -29.17
C ALA A 5 36.83 -0.67 -27.88
N GLY A 6 36.51 -1.50 -26.87
CA GLY A 6 35.85 -1.01 -25.63
C GLY A 6 35.37 -2.16 -24.79
N LEU A 7 34.71 -1.85 -23.67
CA LEU A 7 34.37 -2.91 -22.69
C LEU A 7 33.40 -3.94 -23.28
N ASN A 8 32.41 -3.47 -24.02
CA ASN A 8 31.40 -4.37 -24.62
C ASN A 8 31.98 -5.18 -25.79
N THR A 9 32.72 -4.52 -26.69
CA THR A 9 33.42 -5.24 -27.77
C THR A 9 34.31 -6.31 -27.14
N ALA A 10 35.09 -5.95 -26.13
CA ALA A 10 36.02 -6.90 -25.46
C ALA A 10 35.21 -8.05 -24.84
N ALA A 11 34.15 -7.73 -24.09
CA ALA A 11 33.31 -8.76 -23.46
C ALA A 11 32.77 -9.76 -24.49
N LYS A 12 32.20 -9.29 -25.61
CA LYS A 12 31.64 -10.17 -26.64
C LYS A 12 32.72 -11.05 -27.26
N ALA A 13 33.93 -10.55 -27.35
CA ALA A 13 35.06 -11.34 -27.92
C ALA A 13 35.40 -12.54 -27.03
N LYS A 14 35.07 -12.51 -25.74
CA LYS A 14 35.25 -13.63 -24.78
C LYS A 14 33.96 -14.42 -24.54
N GLY A 15 32.90 -14.15 -25.31
CA GLY A 15 31.68 -14.94 -25.30
C GLY A 15 30.67 -14.43 -24.28
N LEU A 16 30.92 -13.32 -23.63
CA LEU A 16 29.86 -12.64 -22.86
C LEU A 16 28.82 -12.09 -23.84
N LYS A 17 27.58 -11.93 -23.40
CA LYS A 17 26.54 -11.29 -24.22
C LYS A 17 26.73 -9.79 -24.20
N TYR A 18 27.26 -9.24 -23.10
CA TYR A 18 27.37 -7.77 -22.98
C TYR A 18 28.33 -7.36 -21.88
N PHE A 19 28.70 -6.10 -21.99
CA PHE A 19 29.20 -5.31 -20.85
C PHE A 19 28.21 -4.13 -20.89
N GLY A 20 27.59 -3.77 -19.76
CA GLY A 20 26.63 -2.68 -19.77
C GLY A 20 26.67 -1.79 -18.56
N SER A 21 25.69 -0.91 -18.48
CA SER A 21 25.61 0.13 -17.42
C SER A 21 24.16 0.41 -17.04
N ALA A 22 23.92 0.60 -15.77
CA ALA A 22 22.69 1.24 -15.29
C ALA A 22 22.70 2.70 -15.66
N THR A 23 21.50 3.30 -15.64
CA THR A 23 21.37 4.76 -15.78
C THR A 23 20.13 5.18 -15.01
N ASP A 24 19.76 6.46 -15.08
CA ASP A 24 18.47 6.89 -14.51
C ASP A 24 17.95 8.05 -15.35
N ASN A 25 16.65 8.21 -15.38
CA ASN A 25 16.00 9.20 -16.26
C ASN A 25 16.56 10.62 -16.10
N PRO A 26 16.83 11.15 -14.89
CA PRO A 26 17.28 12.54 -14.80
C PRO A 26 18.59 12.74 -15.55
N GLU A 27 19.40 11.71 -15.75
CA GLU A 27 20.71 11.86 -16.39
C GLU A 27 20.56 11.94 -17.89
N LEU A 28 19.42 11.58 -18.45
CA LEU A 28 19.26 11.49 -19.91
C LEU A 28 19.13 12.88 -20.55
N THR A 29 19.09 13.95 -19.77
CA THR A 29 19.12 15.35 -20.29
C THR A 29 20.56 15.87 -20.32
N ASP A 30 21.54 15.09 -19.87
CA ASP A 30 22.97 15.47 -19.93
C ASP A 30 23.54 14.88 -21.21
N SER A 31 23.77 15.68 -22.27
CA SER A 31 24.01 15.14 -23.62
C SER A 31 25.35 14.44 -23.72
N ALA A 32 26.37 14.93 -23.01
CA ALA A 32 27.71 14.29 -23.05
C ALA A 32 27.60 12.95 -22.31
N TYR A 33 26.83 12.94 -21.23
CA TYR A 33 26.56 11.67 -20.50
C TYR A 33 25.90 10.67 -21.46
N VAL A 34 24.80 11.09 -22.10
CA VAL A 34 24.02 10.17 -22.98
C VAL A 34 24.86 9.74 -24.16
N ALA A 35 25.75 10.58 -24.70
CA ALA A 35 26.59 10.15 -25.84
C ALA A 35 27.50 8.98 -25.44
N GLN A 36 28.08 9.00 -24.24
CA GLN A 36 28.93 7.87 -23.80
C GLN A 36 28.05 6.68 -23.34
N LEU A 37 26.91 6.92 -22.72
CA LEU A 37 26.00 5.77 -22.41
C LEU A 37 25.66 5.04 -23.70
N SER A 38 25.52 5.79 -24.82
CA SER A 38 25.07 5.28 -26.15
C SER A 38 26.27 4.77 -26.96
N ASN A 39 27.46 4.73 -26.37
CA ASN A 39 28.66 4.20 -27.04
C ASN A 39 28.65 2.68 -26.93
N THR A 40 28.26 1.98 -27.97
CA THR A 40 28.05 0.51 -27.95
C THR A 40 29.40 -0.23 -27.96
N ASP A 41 30.53 0.46 -28.18
CA ASP A 41 31.84 -0.19 -27.95
C ASP A 41 32.02 -0.49 -26.45
N ASP A 42 31.51 0.39 -25.60
CA ASP A 42 31.63 0.25 -24.12
C ASP A 42 30.37 -0.36 -23.54
N PHE A 43 29.18 -0.07 -24.07
CA PHE A 43 27.94 -0.53 -23.39
C PHE A 43 27.01 -1.21 -24.40
N GLY A 44 26.74 -2.48 -24.22
CA GLY A 44 25.79 -3.23 -25.07
C GLY A 44 24.50 -3.55 -24.36
N GLN A 45 24.30 -2.98 -23.17
CA GLN A 45 23.16 -3.33 -22.29
C GLN A 45 22.99 -2.19 -21.30
N ILE A 46 21.73 -1.93 -20.95
CA ILE A 46 21.29 -0.85 -20.03
C ILE A 46 20.35 -1.46 -19.00
N THR A 47 20.44 -0.97 -17.76
CA THR A 47 19.45 -1.26 -16.70
C THR A 47 18.86 0.07 -16.26
N PRO A 48 17.54 0.21 -16.13
CA PRO A 48 16.97 1.40 -15.51
C PRO A 48 17.16 1.32 -13.98
N GLY A 49 17.86 2.30 -13.43
CA GLY A 49 18.23 2.27 -12.01
C GLY A 49 17.03 2.45 -11.11
N ASN A 50 15.95 3.11 -11.56
CA ASN A 50 14.80 3.39 -10.68
C ASN A 50 13.45 3.28 -11.38
N SER A 51 13.32 3.50 -12.69
CA SER A 51 12.00 3.75 -13.28
C SER A 51 11.21 2.48 -13.58
N MET A 52 11.74 1.27 -13.27
CA MET A 52 10.89 0.06 -13.37
C MET A 52 10.62 -0.53 -11.97
N LYS A 53 10.96 0.19 -10.91
CA LYS A 53 10.65 -0.25 -9.54
C LYS A 53 9.19 -0.04 -9.20
N TRP A 54 8.76 -0.64 -8.12
CA TRP A 54 7.32 -0.68 -7.79
C TRP A 54 6.79 0.73 -7.57
N ASP A 55 7.50 1.57 -6.84
CA ASP A 55 6.95 2.92 -6.55
C ASP A 55 6.85 3.71 -7.86
N ALA A 56 7.69 3.46 -8.87
CA ALA A 56 7.68 4.19 -10.15
C ALA A 56 6.57 3.65 -11.06
N THR A 57 6.30 2.36 -11.06
CA THR A 57 5.42 1.73 -12.04
C THR A 57 3.99 1.56 -11.51
N GLU A 58 3.75 1.45 -10.23
CA GLU A 58 2.41 1.30 -9.66
C GLU A 58 2.31 2.19 -8.43
N PRO A 59 2.33 3.54 -8.63
CA PRO A 59 2.34 4.46 -7.49
C PRO A 59 1.05 4.50 -6.68
N SER A 60 -0.03 4.09 -7.31
CA SER A 60 -1.29 3.83 -6.59
C SER A 60 -1.77 2.48 -7.09
N GLN A 61 -2.51 1.77 -6.26
CA GLN A 61 -2.87 0.37 -6.58
C GLN A 61 -3.69 0.29 -7.87
N ASN A 62 -3.28 -0.53 -8.80
CA ASN A 62 -3.94 -0.75 -10.11
C ASN A 62 -3.83 0.47 -11.03
N SER A 63 -2.93 1.40 -10.74
N SER A 63 -3.01 1.44 -10.69
CA SER A 63 -2.68 2.66 -11.49
CA SER A 63 -2.71 2.62 -11.53
C SER A 63 -1.23 2.67 -11.99
C SER A 63 -1.25 2.51 -11.94
N PHE A 64 -1.02 2.13 -13.18
CA PHE A 64 0.33 1.89 -13.70
C PHE A 64 0.88 3.07 -14.47
N SER A 65 2.16 3.31 -14.29
CA SER A 65 2.88 4.45 -14.89
C SER A 65 4.15 3.95 -15.56
N PHE A 66 4.19 3.93 -16.88
CA PHE A 66 5.32 3.35 -17.62
C PHE A 66 6.15 4.37 -18.39
N ALA A 67 5.83 5.66 -18.40
CA ALA A 67 6.53 6.61 -19.28
C ALA A 67 8.04 6.60 -19.01
N ASN A 68 8.45 6.59 -17.75
CA ASN A 68 9.89 6.76 -17.43
C ASN A 68 10.63 5.45 -17.73
N GLY A 69 10.03 4.31 -17.43
CA GLY A 69 10.64 3.05 -17.83
C GLY A 69 10.72 2.94 -19.33
N ASP A 70 9.67 3.31 -20.03
CA ASP A 70 9.64 3.23 -21.51
C ASP A 70 10.71 4.15 -22.11
N ALA A 71 11.04 5.30 -21.51
CA ALA A 71 12.09 6.18 -22.07
C ALA A 71 13.42 5.46 -22.10
N VAL A 72 13.72 4.67 -21.07
CA VAL A 72 14.99 3.93 -21.03
C VAL A 72 14.96 2.82 -22.08
N VAL A 73 13.88 2.04 -22.15
CA VAL A 73 13.72 1.01 -23.22
C VAL A 73 13.90 1.64 -24.60
N ASN A 74 13.31 2.80 -24.83
CA ASN A 74 13.39 3.42 -26.17
C ASN A 74 14.84 3.81 -26.47
N LEU A 75 15.59 4.30 -25.48
CA LEU A 75 17.00 4.65 -25.71
C LEU A 75 17.78 3.39 -26.06
N ALA A 76 17.61 2.31 -25.30
CA ALA A 76 18.30 1.05 -25.55
C ALA A 76 17.96 0.54 -26.97
N ASN A 77 16.68 0.62 -27.34
CA ASN A 77 16.19 0.10 -28.64
C ASN A 77 16.82 0.91 -29.76
N LYS A 78 16.87 2.23 -29.64
CA LYS A 78 17.50 3.11 -30.68
C LYS A 78 18.98 2.76 -30.80
N ASN A 79 19.67 2.46 -29.69
CA ASN A 79 21.13 2.22 -29.69
C ASN A 79 21.48 0.80 -30.14
N GLY A 80 20.57 -0.17 -30.05
CA GLY A 80 20.94 -1.58 -30.23
C GLY A 80 21.53 -2.18 -28.94
N GLN A 81 21.06 -1.74 -27.79
CA GLN A 81 21.47 -2.30 -26.49
C GLN A 81 20.39 -3.22 -25.93
N LEU A 82 20.82 -4.22 -25.21
CA LEU A 82 19.92 -5.09 -24.44
C LEU A 82 19.43 -4.33 -23.20
N MET A 83 18.26 -4.75 -22.72
CA MET A 83 17.72 -4.26 -21.43
C MET A 83 17.83 -5.38 -20.40
N ARG A 84 18.24 -5.00 -19.18
CA ARG A 84 17.84 -5.75 -17.97
C ARG A 84 16.77 -4.95 -17.27
N CYS A 85 15.70 -5.60 -16.93
CA CYS A 85 14.54 -4.94 -16.29
C CYS A 85 14.60 -5.21 -14.81
N HIS A 86 14.38 -4.19 -14.00
CA HIS A 86 14.74 -4.19 -12.57
C HIS A 86 13.78 -3.27 -11.83
N THR A 87 13.03 -3.71 -10.84
CA THR A 87 12.92 -5.04 -10.28
C THR A 87 11.47 -5.21 -9.82
N LEU A 88 10.92 -6.41 -9.83
CA LEU A 88 9.47 -6.59 -9.61
C LEU A 88 9.13 -6.57 -8.15
N VAL A 89 9.75 -7.40 -7.33
CA VAL A 89 9.39 -7.62 -5.92
C VAL A 89 10.62 -7.26 -5.11
N TRP A 90 10.51 -6.28 -4.23
CA TRP A 90 11.61 -5.76 -3.43
C TRP A 90 11.01 -5.05 -2.22
N HIS A 91 11.70 -5.09 -1.08
CA HIS A 91 11.21 -4.43 0.16
C HIS A 91 11.48 -2.93 0.13
N SER A 92 12.34 -2.43 -0.73
CA SER A 92 12.69 -0.99 -0.76
C SER A 92 12.00 -0.33 -1.95
N GLN A 93 11.76 0.98 -1.88
CA GLN A 93 11.11 1.74 -2.95
C GLN A 93 9.73 1.11 -3.26
N LEU A 94 9.05 0.69 -2.20
CA LEU A 94 7.61 0.36 -2.27
C LEU A 94 6.83 1.65 -2.11
N PRO A 95 5.72 1.81 -2.87
CA PRO A 95 4.83 2.94 -2.60
C PRO A 95 4.15 2.70 -1.25
N ASN A 96 3.65 3.82 -0.70
CA ASN A 96 2.98 3.86 0.61
C ASN A 96 1.85 2.84 0.68
N TRP A 97 1.05 2.72 -0.38
CA TRP A 97 -0.10 1.82 -0.29
C TRP A 97 0.31 0.39 -0.01
N VAL A 98 1.51 -0.05 -0.44
CA VAL A 98 1.93 -1.42 -0.08
C VAL A 98 2.36 -1.48 1.40
N SER A 99 3.28 -0.61 1.80
N SER A 99 3.25 -0.58 1.77
CA SER A 99 3.85 -0.71 3.17
CA SER A 99 3.90 -0.59 3.10
C SER A 99 2.78 -0.48 4.24
C SER A 99 2.92 -0.30 4.23
N SER A 100 1.84 0.46 3.99
CA SER A 100 0.87 0.89 5.02
C SER A 100 -0.39 0.02 5.00
N GLY A 101 -0.52 -0.91 4.06
CA GLY A 101 -1.79 -1.65 3.96
C GLY A 101 -2.02 -2.59 5.13
N SER A 102 -3.29 -2.85 5.45
N SER A 102 -3.29 -2.78 5.45
CA SER A 102 -3.72 -3.93 6.37
CA SER A 102 -3.81 -3.87 6.28
C SER A 102 -4.15 -5.13 5.51
C SER A 102 -4.10 -5.03 5.33
N TRP A 103 -3.21 -6.04 5.32
CA TRP A 103 -3.27 -7.14 4.31
C TRP A 103 -3.62 -8.46 4.96
N THR A 104 -4.28 -9.30 4.19
CA THR A 104 -4.29 -10.75 4.46
C THR A 104 -3.34 -11.37 3.43
N ASN A 105 -3.02 -12.62 3.63
CA ASN A 105 -2.27 -13.37 2.61
C ASN A 105 -2.95 -13.22 1.24
N ALA A 106 -4.27 -13.43 1.19
CA ALA A 106 -4.99 -13.37 -0.09
C ALA A 106 -4.82 -11.97 -0.71
N THR A 107 -5.08 -10.90 0.04
CA THR A 107 -5.13 -9.58 -0.62
C THR A 107 -3.72 -9.09 -1.01
N LEU A 108 -2.70 -9.43 -0.21
CA LEU A 108 -1.34 -9.00 -0.60
C LEU A 108 -0.87 -9.87 -1.77
N LEU A 109 -1.13 -11.17 -1.73
CA LEU A 109 -0.79 -12.03 -2.90
C LEU A 109 -1.45 -11.51 -4.16
N ALA A 110 -2.72 -11.13 -4.11
CA ALA A 110 -3.39 -10.64 -5.32
C ALA A 110 -2.73 -9.36 -5.80
N ALA A 111 -2.38 -8.46 -4.86
CA ALA A 111 -1.74 -7.18 -5.24
C ALA A 111 -0.34 -7.45 -5.84
N MET A 112 0.40 -8.38 -5.25
CA MET A 112 1.77 -8.70 -5.77
C MET A 112 1.68 -9.34 -7.14
N LYS A 113 0.77 -10.29 -7.32
CA LYS A 113 0.59 -10.95 -8.64
C LYS A 113 0.12 -9.94 -9.67
N ASN A 114 -0.82 -9.07 -9.30
CA ASN A 114 -1.30 -8.06 -10.26
C ASN A 114 -0.19 -7.11 -10.67
N HIS A 115 0.66 -6.72 -9.74
CA HIS A 115 1.82 -5.88 -10.07
C HIS A 115 2.69 -6.59 -11.12
N ILE A 116 3.08 -7.80 -10.80
CA ILE A 116 3.95 -8.59 -11.71
C ILE A 116 3.31 -8.72 -13.08
N THR A 117 2.05 -9.18 -13.13
CA THR A 117 1.41 -9.44 -14.44
C THR A 117 1.39 -8.17 -15.29
N ASN A 118 0.94 -7.06 -14.69
CA ASN A 118 0.81 -5.79 -15.43
C ASN A 118 2.17 -5.32 -15.94
N VAL A 119 3.19 -5.29 -15.08
CA VAL A 119 4.51 -4.73 -15.48
C VAL A 119 5.19 -5.67 -16.48
N VAL A 120 5.18 -6.97 -16.23
CA VAL A 120 5.87 -7.92 -17.15
C VAL A 120 5.10 -7.92 -18.48
N THR A 121 3.77 -7.84 -18.46
CA THR A 121 3.04 -7.85 -19.76
C THR A 121 3.40 -6.60 -20.52
N HIS A 122 3.50 -5.44 -19.89
CA HIS A 122 3.81 -4.17 -20.57
C HIS A 122 5.16 -4.30 -21.28
N TYR A 123 6.12 -4.94 -20.62
CA TYR A 123 7.51 -4.98 -21.11
C TYR A 123 7.76 -6.29 -21.86
N LYS A 124 6.75 -7.07 -22.21
CA LYS A 124 6.95 -8.34 -22.90
C LYS A 124 7.73 -8.11 -24.20
N GLY A 125 8.75 -8.92 -24.45
CA GLY A 125 9.58 -8.79 -25.66
C GLY A 125 10.63 -7.69 -25.58
N LYS A 126 10.71 -6.93 -24.48
CA LYS A 126 11.63 -5.77 -24.42
C LYS A 126 12.85 -6.06 -23.54
N CYS A 127 12.82 -7.08 -22.69
CA CYS A 127 13.82 -7.31 -21.64
C CYS A 127 14.59 -8.61 -21.98
N TYR A 128 15.91 -8.57 -21.86
CA TYR A 128 16.74 -9.79 -21.84
C TYR A 128 16.39 -10.57 -20.58
N ALA A 129 16.31 -9.87 -19.43
CA ALA A 129 16.15 -10.51 -18.12
C ALA A 129 15.26 -9.61 -17.28
N TRP A 130 14.59 -10.17 -16.31
CA TRP A 130 13.98 -9.46 -15.15
C TRP A 130 14.67 -9.90 -13.86
N ASP A 131 14.99 -8.93 -12.99
CA ASP A 131 15.24 -9.16 -11.54
C ASP A 131 13.89 -9.35 -10.87
N VAL A 132 13.40 -10.56 -10.77
CA VAL A 132 12.02 -10.84 -10.34
C VAL A 132 11.89 -10.55 -8.85
N VAL A 133 12.78 -11.12 -8.04
CA VAL A 133 12.83 -10.86 -6.58
C VAL A 133 14.21 -10.34 -6.31
N ASN A 134 14.30 -9.29 -5.54
CA ASN A 134 15.54 -8.58 -5.17
C ASN A 134 15.73 -8.69 -3.67
N GLU A 135 16.89 -9.11 -3.22
CA GLU A 135 17.30 -8.91 -1.81
C GLU A 135 16.31 -9.57 -0.85
N ALA A 136 16.03 -10.84 -1.05
CA ALA A 136 15.10 -11.60 -0.18
C ALA A 136 15.79 -12.15 1.05
N LEU A 137 17.09 -11.98 1.19
CA LEU A 137 17.85 -12.64 2.26
C LEU A 137 18.42 -11.63 3.25
N ASN A 138 18.37 -11.98 4.52
CA ASN A 138 19.22 -11.35 5.55
C ASN A 138 20.68 -11.74 5.33
N GLU A 139 21.61 -11.05 6.00
CA GLU A 139 23.04 -11.33 5.78
C GLU A 139 23.41 -12.71 6.31
N ASP A 140 22.66 -13.25 7.28
CA ASP A 140 22.84 -14.61 7.79
C ASP A 140 22.14 -15.68 6.93
N GLY A 141 21.54 -15.30 5.81
CA GLY A 141 20.91 -16.26 4.91
C GLY A 141 19.50 -16.65 5.28
N THR A 142 18.97 -16.16 6.40
CA THR A 142 17.55 -16.34 6.68
C THR A 142 16.75 -15.38 5.78
N PHE A 143 15.47 -15.63 5.67
CA PHE A 143 14.61 -14.75 4.85
C PHE A 143 14.44 -13.38 5.46
N ARG A 144 14.66 -12.36 4.64
CA ARG A 144 14.37 -10.97 5.05
C ARG A 144 12.89 -10.80 5.38
N ASN A 145 12.61 -10.20 6.54
CA ASN A 145 11.23 -10.10 7.07
C ASN A 145 10.52 -8.90 6.47
N SER A 146 10.45 -8.87 5.16
CA SER A 146 9.71 -7.87 4.37
C SER A 146 8.20 -8.11 4.54
N VAL A 147 7.41 -7.14 4.10
CA VAL A 147 5.93 -7.32 4.16
C VAL A 147 5.53 -8.59 3.40
N PHE A 148 6.21 -8.90 2.29
CA PHE A 148 5.84 -10.09 1.51
C PHE A 148 6.11 -11.36 2.32
N TYR A 149 7.27 -11.44 2.96
CA TYR A 149 7.58 -12.61 3.77
C TYR A 149 6.71 -12.73 5.01
N GLN A 150 6.44 -11.61 5.66
CA GLN A 150 5.64 -11.60 6.92
C GLN A 150 4.24 -12.13 6.61
N ILE A 151 3.63 -11.69 5.51
CA ILE A 151 2.20 -11.97 5.25
C ILE A 151 2.02 -13.25 4.44
N ILE A 152 2.89 -13.53 3.47
CA ILE A 152 2.70 -14.67 2.52
C ILE A 152 3.59 -15.83 2.95
N GLY A 153 4.76 -15.60 3.54
CA GLY A 153 5.72 -16.64 3.85
C GLY A 153 6.63 -16.91 2.66
N PRO A 154 7.45 -17.96 2.72
CA PRO A 154 8.44 -18.25 1.70
C PRO A 154 7.90 -18.46 0.28
N ALA A 155 6.64 -18.87 0.17
CA ALA A 155 6.01 -19.12 -1.13
C ALA A 155 6.01 -17.85 -2.00
N TYR A 156 6.11 -16.65 -1.41
CA TYR A 156 6.03 -15.42 -2.24
C TYR A 156 7.10 -15.44 -3.33
N ILE A 157 8.24 -16.09 -3.05
CA ILE A 157 9.38 -16.10 -4.02
C ILE A 157 9.01 -16.93 -5.25
N PRO A 158 8.74 -18.25 -5.11
CA PRO A 158 8.36 -19.02 -6.30
C PRO A 158 7.08 -18.50 -6.95
N ILE A 159 6.09 -18.02 -6.17
CA ILE A 159 4.85 -17.50 -6.80
C ILE A 159 5.22 -16.30 -7.66
N ALA A 160 6.14 -15.42 -7.22
CA ALA A 160 6.54 -14.29 -8.05
C ALA A 160 7.16 -14.75 -9.37
N PHE A 161 8.07 -15.71 -9.31
CA PHE A 161 8.69 -16.28 -10.53
C PHE A 161 7.63 -16.89 -11.46
N ALA A 162 6.75 -17.72 -10.92
CA ALA A 162 5.73 -18.36 -11.77
C ALA A 162 4.84 -17.31 -12.41
N THR A 163 4.51 -16.24 -11.69
CA THR A 163 3.64 -15.19 -12.21
C THR A 163 4.34 -14.43 -13.33
N ALA A 164 5.64 -14.17 -13.19
CA ALA A 164 6.40 -13.50 -14.25
C ALA A 164 6.48 -14.41 -15.49
N ALA A 165 6.75 -15.69 -15.28
CA ALA A 165 6.89 -16.67 -16.39
C ALA A 165 5.59 -16.74 -17.19
N ALA A 166 4.45 -16.65 -16.53
CA ALA A 166 3.14 -16.77 -17.24
C ALA A 166 2.97 -15.56 -18.15
N ALA A 167 3.37 -14.38 -17.70
CA ALA A 167 3.17 -13.13 -18.45
C ALA A 167 4.22 -12.98 -19.55
N ASP A 168 5.42 -13.53 -19.41
CA ASP A 168 6.45 -13.40 -20.48
C ASP A 168 7.29 -14.67 -20.44
N PRO A 169 6.96 -15.73 -21.21
CA PRO A 169 7.69 -16.99 -21.10
C PRO A 169 9.12 -16.93 -21.63
N ASP A 170 9.54 -15.86 -22.32
CA ASP A 170 10.84 -15.85 -23.03
C ASP A 170 11.91 -15.17 -22.20
N VAL A 171 11.56 -14.16 -21.42
CA VAL A 171 12.54 -13.35 -20.67
C VAL A 171 13.26 -14.23 -19.63
N LYS A 172 14.54 -13.99 -19.40
CA LYS A 172 15.29 -14.72 -18.35
C LYS A 172 14.85 -14.19 -16.97
N LEU A 173 14.51 -15.10 -16.08
CA LEU A 173 14.03 -14.73 -14.74
C LEU A 173 15.17 -14.87 -13.72
N TYR A 174 15.57 -13.76 -13.13
CA TYR A 174 16.69 -13.73 -12.19
C TYR A 174 16.24 -13.50 -10.75
N TYR A 175 16.96 -14.12 -9.81
CA TYR A 175 17.02 -13.70 -8.41
C TYR A 175 18.26 -12.82 -8.26
N ASN A 176 18.12 -11.65 -7.67
CA ASN A 176 19.23 -10.67 -7.57
C ASN A 176 19.50 -10.37 -6.10
N ASP A 177 20.78 -10.30 -5.72
CA ASP A 177 21.13 -9.99 -4.31
C ASP A 177 22.57 -9.52 -4.23
N TYR A 178 22.89 -8.95 -3.07
CA TYR A 178 24.27 -8.53 -2.76
C TYR A 178 24.83 -9.45 -1.67
N SER A 179 26.15 -9.48 -1.56
CA SER A 179 26.90 -10.26 -0.55
C SER A 179 26.66 -11.76 -0.72
N ILE A 180 26.38 -12.16 -1.97
CA ILE A 180 26.22 -13.56 -2.40
C ILE A 180 27.34 -13.89 -3.41
N GLU A 181 28.37 -13.05 -3.51
CA GLU A 181 29.42 -13.21 -4.56
C GLU A 181 30.64 -13.94 -4.02
N TYR A 182 30.68 -14.20 -2.72
CA TYR A 182 31.80 -14.87 -2.01
C TYR A 182 31.17 -15.88 -1.06
N SER A 183 31.89 -16.90 -0.70
CA SER A 183 31.38 -18.00 0.14
C SER A 183 30.97 -17.45 1.48
N GLY A 184 29.83 -17.90 1.93
CA GLY A 184 29.31 -17.51 3.24
C GLY A 184 27.85 -17.92 3.41
N ALA A 185 27.25 -17.58 4.52
CA ALA A 185 25.87 -18.04 4.81
C ALA A 185 24.91 -17.51 3.75
N LYS A 186 25.11 -16.28 3.28
CA LYS A 186 24.13 -15.66 2.37
C LYS A 186 24.25 -16.34 1.01
N ALA A 187 25.47 -16.57 0.50
CA ALA A 187 25.64 -17.26 -0.81
C ALA A 187 25.02 -18.63 -0.76
N THR A 188 25.22 -19.36 0.31
CA THR A 188 24.61 -20.70 0.46
C THR A 188 23.10 -20.58 0.38
N ALA A 189 22.51 -19.59 1.06
CA ALA A 189 21.06 -19.37 1.03
C ALA A 189 20.61 -18.97 -0.37
N ALA A 190 21.40 -18.25 -1.14
CA ALA A 190 21.02 -17.87 -2.53
C ALA A 190 20.99 -19.13 -3.41
N GLN A 191 21.97 -20.01 -3.26
CA GLN A 191 21.89 -21.34 -3.93
C GLN A 191 20.58 -21.99 -3.54
N ASN A 192 20.21 -21.96 -2.25
CA ASN A 192 18.99 -22.64 -1.78
C ASN A 192 17.74 -21.98 -2.34
N ILE A 193 17.74 -20.72 -2.68
CA ILE A 193 16.58 -20.08 -3.36
C ILE A 193 16.42 -20.68 -4.74
N VAL A 194 17.51 -20.89 -5.46
CA VAL A 194 17.44 -21.55 -6.79
C VAL A 194 16.75 -22.89 -6.61
N LYS A 195 17.22 -23.67 -5.66
CA LYS A 195 16.74 -25.05 -5.48
C LYS A 195 15.27 -25.00 -5.08
N MET A 196 14.88 -24.06 -4.23
CA MET A 196 13.49 -23.97 -3.72
C MET A 196 12.55 -23.60 -4.87
N ILE A 197 12.92 -22.69 -5.74
CA ILE A 197 12.03 -22.27 -6.85
C ILE A 197 11.77 -23.49 -7.73
N LYS A 198 12.81 -24.26 -8.06
CA LYS A 198 12.63 -25.47 -8.89
C LYS A 198 11.82 -26.53 -8.13
N ALA A 199 11.96 -26.71 -6.84
CA ALA A 199 11.18 -27.68 -6.06
C ALA A 199 9.72 -27.31 -6.10
N TYR A 200 9.39 -26.04 -6.19
CA TYR A 200 7.99 -25.57 -6.34
C TYR A 200 7.52 -25.76 -7.78
N GLY A 201 8.38 -26.13 -8.70
CA GLY A 201 7.95 -26.25 -10.09
C GLY A 201 7.96 -24.95 -10.85
N ALA A 202 8.51 -23.89 -10.27
CA ALA A 202 8.53 -22.59 -10.94
C ALA A 202 9.88 -22.41 -11.65
N LYS A 203 9.96 -21.45 -12.52
CA LYS A 203 11.14 -21.25 -13.40
C LYS A 203 12.09 -20.20 -12.82
N ILE A 204 13.37 -20.52 -12.77
CA ILE A 204 14.42 -19.52 -12.51
C ILE A 204 15.53 -19.78 -13.51
N ASP A 205 15.95 -18.75 -14.19
CA ASP A 205 17.00 -18.86 -15.23
C ASP A 205 18.36 -18.36 -14.76
N GLY A 206 18.41 -17.41 -13.81
CA GLY A 206 19.66 -16.72 -13.52
C GLY A 206 19.78 -16.31 -12.08
N VAL A 207 21.01 -16.13 -11.65
CA VAL A 207 21.35 -15.47 -10.35
C VAL A 207 22.11 -14.21 -10.67
N GLY A 208 21.60 -13.09 -10.15
CA GLY A 208 22.22 -11.78 -10.31
C GLY A 208 23.03 -11.42 -9.08
N LEU A 209 24.31 -11.17 -9.26
CA LEU A 209 25.26 -10.90 -8.19
C LEU A 209 25.56 -9.41 -8.25
N GLN A 210 25.07 -8.64 -7.30
CA GLN A 210 25.11 -7.17 -7.41
C GLN A 210 26.54 -6.68 -7.51
N ALA A 211 27.45 -7.22 -6.67
CA ALA A 211 28.89 -6.81 -6.71
C ALA A 211 29.05 -5.34 -6.31
N HIS A 212 28.42 -4.90 -5.24
CA HIS A 212 28.77 -3.64 -4.57
C HIS A 212 29.95 -3.85 -3.66
N PHE A 213 31.13 -3.77 -4.22
CA PHE A 213 32.38 -4.17 -3.52
C PHE A 213 33.09 -2.92 -2.99
N ILE A 214 34.10 -3.18 -2.16
CA ILE A 214 34.91 -2.16 -1.45
C ILE A 214 36.36 -2.25 -1.91
N VAL A 215 36.99 -1.13 -2.26
CA VAL A 215 38.40 -1.13 -2.71
C VAL A 215 39.28 -1.67 -1.59
N GLY A 216 40.08 -2.67 -1.94
CA GLY A 216 41.00 -3.30 -0.98
C GLY A 216 40.35 -4.38 -0.14
N SER A 217 39.03 -4.58 -0.25
CA SER A 217 38.29 -5.66 0.46
C SER A 217 37.45 -6.39 -0.58
N THR A 218 37.85 -6.36 -1.85
CA THR A 218 37.12 -7.08 -2.93
C THR A 218 37.50 -8.55 -2.87
N PRO A 219 36.58 -9.52 -3.05
CA PRO A 219 37.00 -10.92 -3.13
C PRO A 219 37.98 -11.11 -4.30
N SER A 220 38.90 -12.06 -4.11
CA SER A 220 39.89 -12.41 -5.15
C SER A 220 39.20 -13.00 -6.37
N GLN A 221 39.88 -12.93 -7.47
CA GLN A 221 39.44 -13.57 -8.71
C GLN A 221 39.06 -15.03 -8.41
N SER A 222 39.87 -15.77 -7.64
CA SER A 222 39.59 -17.21 -7.47
C SER A 222 38.35 -17.42 -6.59
N ASP A 223 38.16 -16.64 -5.54
CA ASP A 223 36.99 -16.76 -4.66
C ASP A 223 35.75 -16.42 -5.50
N LEU A 224 35.81 -15.39 -6.33
CA LEU A 224 34.65 -14.99 -7.17
C LEU A 224 34.33 -16.10 -8.16
N THR A 225 35.33 -16.70 -8.77
CA THR A 225 35.11 -17.74 -9.79
C THR A 225 34.52 -18.98 -9.14
N THR A 226 34.98 -19.39 -7.97
CA THR A 226 34.42 -20.56 -7.23
C THR A 226 32.91 -20.30 -7.07
N VAL A 227 32.51 -19.13 -6.60
CA VAL A 227 31.09 -18.84 -6.34
C VAL A 227 30.31 -18.77 -7.66
N LEU A 228 30.84 -18.20 -8.70
CA LEU A 228 30.13 -18.18 -10.01
C LEU A 228 29.85 -19.62 -10.46
N LYS A 229 30.87 -20.47 -10.42
CA LYS A 229 30.68 -21.89 -10.84
C LYS A 229 29.73 -22.59 -9.89
N GLY A 230 29.69 -22.25 -8.61
CA GLY A 230 28.75 -22.84 -7.65
C GLY A 230 27.33 -22.62 -8.13
N TYR A 231 27.01 -21.47 -8.70
CA TYR A 231 25.64 -21.22 -9.21
C TYR A 231 25.45 -21.87 -10.57
N THR A 232 26.42 -21.78 -11.46
CA THR A 232 26.21 -22.32 -12.83
C THR A 232 26.10 -23.86 -12.74
N ALA A 233 26.69 -24.49 -11.73
CA ALA A 233 26.58 -25.94 -11.49
C ALA A 233 25.14 -26.34 -11.27
N LEU A 234 24.29 -25.39 -10.82
CA LEU A 234 22.88 -25.69 -10.50
C LEU A 234 21.99 -25.59 -11.74
N GLY A 235 22.52 -25.27 -12.89
CA GLY A 235 21.75 -25.19 -14.14
C GLY A 235 21.04 -23.85 -14.29
N VAL A 236 21.70 -22.81 -13.80
CA VAL A 236 21.30 -21.41 -14.07
C VAL A 236 22.47 -20.64 -14.67
N GLU A 237 22.19 -19.52 -15.31
CA GLU A 237 23.22 -18.55 -15.75
C GLU A 237 23.47 -17.56 -14.61
N VAL A 238 24.53 -16.79 -14.73
CA VAL A 238 24.88 -15.75 -13.74
C VAL A 238 25.31 -14.49 -14.44
N ALA A 239 25.19 -13.38 -13.73
CA ALA A 239 25.74 -12.10 -14.21
C ALA A 239 26.10 -11.25 -13.03
N TYR A 240 27.09 -10.38 -13.18
CA TYR A 240 27.32 -9.31 -12.20
C TYR A 240 26.42 -8.17 -12.63
N THR A 241 25.52 -7.73 -11.76
CA THR A 241 24.39 -6.87 -12.17
C THR A 241 24.55 -5.41 -11.75
N GLU A 242 25.31 -5.08 -10.72
CA GLU A 242 25.33 -3.69 -10.17
C GLU A 242 26.74 -3.34 -9.73
N LEU A 243 27.75 -3.74 -10.51
CA LEU A 243 29.15 -3.64 -10.07
C LEU A 243 29.57 -2.18 -9.84
N ASP A 244 30.11 -1.94 -8.65
CA ASP A 244 30.85 -0.70 -8.34
C ASP A 244 31.77 -1.07 -7.19
N ILE A 245 32.88 -0.32 -7.07
CA ILE A 245 33.92 -0.68 -6.07
C ILE A 245 34.24 0.60 -5.32
N ARG A 246 33.60 0.79 -4.17
CA ARG A 246 33.62 2.07 -3.43
C ARG A 246 34.94 2.20 -2.66
N MET A 247 35.51 3.41 -2.73
CA MET A 247 36.79 3.70 -2.01
C MET A 247 36.55 4.62 -0.84
N GLN A 248 37.35 4.40 0.20
CA GLN A 248 37.40 5.29 1.35
C GLN A 248 38.05 6.58 0.86
N LEU A 249 37.36 7.67 0.98
CA LEU A 249 37.85 8.95 0.46
C LEU A 249 38.84 9.49 1.48
N PRO A 250 39.85 10.28 1.07
CA PRO A 250 39.98 10.76 -0.30
C PRO A 250 40.71 9.83 -1.26
N SER A 251 40.44 10.01 -2.55
CA SER A 251 41.09 9.28 -3.65
C SER A 251 42.59 9.57 -3.62
N THR A 252 43.40 8.54 -3.89
CA THR A 252 44.87 8.65 -4.09
C THR A 252 45.23 7.80 -5.29
N ALA A 253 46.40 8.00 -5.85
CA ALA A 253 46.92 7.12 -6.91
C ALA A 253 46.92 5.66 -6.42
N ALA A 254 47.32 5.39 -5.17
CA ALA A 254 47.41 4.01 -4.65
C ALA A 254 46.01 3.38 -4.63
N LYS A 255 45.04 4.14 -4.17
CA LYS A 255 43.64 3.61 -4.07
C LYS A 255 43.09 3.38 -5.49
N LEU A 256 43.39 4.26 -6.43
CA LEU A 256 42.91 4.10 -7.83
C LEU A 256 43.53 2.85 -8.45
N ALA A 257 44.80 2.57 -8.13
CA ALA A 257 45.49 1.38 -8.62
C ALA A 257 44.87 0.10 -8.02
N GLN A 258 44.59 0.13 -6.71
CA GLN A 258 43.95 -1.01 -6.04
C GLN A 258 42.55 -1.24 -6.65
N GLN A 259 41.84 -0.15 -6.86
CA GLN A 259 40.49 -0.22 -7.48
C GLN A 259 40.62 -0.87 -8.84
N SER A 260 41.60 -0.53 -9.66
CA SER A 260 41.77 -1.16 -10.99
C SER A 260 41.96 -2.69 -10.85
N THR A 261 42.81 -3.12 -9.91
CA THR A 261 43.09 -4.57 -9.68
C THR A 261 41.78 -5.24 -9.28
N ASP A 262 41.04 -4.58 -8.41
CA ASP A 262 39.75 -5.15 -7.91
C ASP A 262 38.77 -5.33 -9.05
N PHE A 263 38.57 -4.32 -9.89
CA PHE A 263 37.68 -4.44 -11.07
C PHE A 263 38.17 -5.53 -12.02
N GLN A 264 39.50 -5.60 -12.24
CA GLN A 264 40.08 -6.55 -13.19
C GLN A 264 39.71 -7.97 -12.76
N GLY A 265 39.73 -8.26 -11.46
CA GLY A 265 39.43 -9.62 -10.98
C GLY A 265 37.97 -10.01 -11.21
N VAL A 266 37.08 -9.04 -11.11
CA VAL A 266 35.63 -9.27 -11.31
C VAL A 266 35.39 -9.64 -12.76
N ALA A 267 35.87 -8.83 -13.68
CA ALA A 267 35.73 -9.11 -15.12
C ALA A 267 36.37 -10.47 -15.43
N ALA A 268 37.56 -10.74 -14.90
CA ALA A 268 38.26 -11.99 -15.25
C ALA A 268 37.49 -13.19 -14.70
N ALA A 269 36.83 -13.06 -13.53
CA ALA A 269 36.05 -14.18 -12.95
C ALA A 269 34.93 -14.49 -13.92
N CYS A 270 34.21 -13.47 -14.41
CA CYS A 270 33.09 -13.71 -15.34
C CYS A 270 33.61 -14.35 -16.65
N VAL A 271 34.69 -13.85 -17.22
CA VAL A 271 35.25 -14.42 -18.48
C VAL A 271 35.62 -15.89 -18.27
N SER A 272 36.10 -16.27 -17.10
N SER A 272 36.09 -16.25 -17.08
CA SER A 272 36.54 -17.65 -16.81
CA SER A 272 36.57 -17.62 -16.74
C SER A 272 35.36 -18.62 -16.76
C SER A 272 35.41 -18.59 -16.48
N THR A 273 34.17 -18.11 -16.46
CA THR A 273 33.01 -18.93 -16.12
C THR A 273 32.04 -19.04 -17.27
N THR A 274 31.94 -20.21 -17.88
CA THR A 274 30.90 -20.47 -18.84
C THR A 274 29.55 -20.32 -18.09
N GLY A 275 28.69 -19.57 -18.65
CA GLY A 275 27.38 -19.28 -18.03
C GLY A 275 27.37 -17.93 -17.34
N CYS A 276 28.48 -17.23 -17.24
CA CYS A 276 28.48 -15.79 -16.85
C CYS A 276 28.21 -14.97 -18.10
N VAL A 277 27.02 -14.43 -18.25
CA VAL A 277 26.60 -13.82 -19.52
C VAL A 277 27.02 -12.36 -19.61
N GLY A 278 27.42 -11.71 -18.53
CA GLY A 278 27.75 -10.29 -18.65
C GLY A 278 28.02 -9.62 -17.34
N VAL A 279 28.42 -8.39 -17.47
CA VAL A 279 28.71 -7.48 -16.34
C VAL A 279 28.00 -6.18 -16.61
N THR A 280 27.29 -5.67 -15.65
CA THR A 280 26.66 -4.32 -15.64
C THR A 280 27.31 -3.55 -14.50
N ILE A 281 27.82 -2.37 -14.76
CA ILE A 281 28.26 -1.43 -13.71
C ILE A 281 27.10 -0.54 -13.30
N TRP A 282 27.06 -0.17 -12.02
CA TRP A 282 25.91 0.62 -11.50
C TRP A 282 26.11 2.12 -11.78
N ASP A 283 25.80 2.44 -13.02
CA ASP A 283 26.20 3.67 -13.75
C ASP A 283 27.69 3.59 -14.03
N TRP A 284 28.21 4.62 -14.71
CA TRP A 284 29.60 4.49 -15.24
C TRP A 284 30.49 5.66 -14.83
N THR A 285 29.92 6.79 -14.42
CA THR A 285 30.69 7.97 -13.94
C THR A 285 30.41 8.22 -12.47
N ASP A 286 31.48 8.52 -11.74
CA ASP A 286 31.39 8.89 -10.31
C ASP A 286 30.43 10.06 -10.09
N LYS A 287 30.22 10.92 -11.10
CA LYS A 287 29.28 12.04 -10.94
C LYS A 287 27.91 11.57 -10.47
N TYR A 288 27.44 10.43 -10.98
CA TYR A 288 26.05 9.99 -10.79
C TYR A 288 25.99 8.76 -9.87
N SER A 289 27.09 8.35 -9.25
CA SER A 289 27.10 7.12 -8.42
C SER A 289 26.14 7.33 -7.24
N TRP A 290 25.36 6.30 -6.91
CA TRP A 290 24.53 6.28 -5.69
C TRP A 290 25.37 6.25 -4.41
N VAL A 291 26.66 5.90 -4.49
CA VAL A 291 27.44 5.52 -3.28
C VAL A 291 27.57 6.64 -2.26
N PRO A 292 28.06 7.84 -2.65
CA PRO A 292 28.49 8.78 -1.61
C PRO A 292 27.36 9.16 -0.65
N SER A 293 26.11 9.20 -1.12
CA SER A 293 24.99 9.63 -0.24
C SER A 293 24.56 8.48 0.66
N VAL A 294 25.04 7.25 0.45
CA VAL A 294 24.57 6.07 1.23
C VAL A 294 25.67 5.58 2.17
N PHE A 295 26.92 5.62 1.73
CA PHE A 295 28.06 4.99 2.44
C PHE A 295 29.00 6.10 2.93
N GLN A 296 28.85 6.49 4.20
CA GLN A 296 29.53 7.71 4.75
C GLN A 296 31.03 7.60 4.52
N GLY A 297 31.59 8.62 3.89
CA GLY A 297 33.05 8.69 3.70
C GLY A 297 33.57 7.86 2.53
N TYR A 298 32.66 7.21 1.78
CA TYR A 298 33.05 6.36 0.63
C TYR A 298 32.56 7.01 -0.66
N GLY A 299 33.26 6.69 -1.74
CA GLY A 299 32.91 7.26 -3.06
C GLY A 299 33.81 6.78 -4.17
N ALA A 300 33.90 7.61 -5.20
CA ALA A 300 34.69 7.39 -6.42
C ALA A 300 34.70 5.93 -6.86
N PRO A 301 33.52 5.31 -7.10
CA PRO A 301 33.43 3.86 -7.25
C PRO A 301 33.44 3.29 -8.65
N LEU A 302 33.59 4.13 -9.69
CA LEU A 302 33.30 3.68 -11.07
C LEU A 302 34.49 3.87 -11.99
N PRO A 303 34.42 3.40 -13.23
CA PRO A 303 35.58 3.45 -14.12
C PRO A 303 35.82 4.80 -14.82
N TRP A 304 34.89 5.71 -14.70
CA TRP A 304 35.07 7.11 -15.16
C TRP A 304 34.85 8.03 -13.98
N ASP A 305 35.58 9.16 -13.98
CA ASP A 305 35.46 10.13 -12.90
C ASP A 305 34.28 11.09 -13.16
N GLU A 306 34.15 12.08 -12.31
CA GLU A 306 33.03 13.02 -12.31
C GLU A 306 33.11 13.98 -13.49
N ASN A 307 34.23 14.02 -14.22
CA ASN A 307 34.35 14.81 -15.48
C ASN A 307 34.24 13.92 -16.71
N TYR A 308 33.78 12.66 -16.58
CA TYR A 308 33.65 11.69 -17.69
C TYR A 308 34.99 11.32 -18.29
N VAL A 309 36.02 11.35 -17.46
CA VAL A 309 37.39 10.94 -17.87
C VAL A 309 37.70 9.56 -17.27
N LYS A 310 38.26 8.68 -18.07
CA LYS A 310 38.63 7.30 -17.65
C LYS A 310 39.52 7.36 -16.42
N LYS A 311 39.27 6.47 -15.47
CA LYS A 311 40.17 6.19 -14.34
C LYS A 311 40.94 4.91 -14.66
N PRO A 312 41.97 4.59 -13.87
CA PRO A 312 42.69 3.34 -14.10
C PRO A 312 41.80 2.10 -14.18
N ALA A 313 40.72 2.10 -13.42
CA ALA A 313 39.76 0.97 -13.43
C ALA A 313 39.26 0.65 -14.85
N TYR A 314 39.18 1.62 -15.77
CA TYR A 314 38.74 1.28 -17.14
C TYR A 314 39.77 0.31 -17.74
N ASP A 315 41.04 0.59 -17.52
CA ASP A 315 42.12 -0.30 -18.04
C ASP A 315 42.12 -1.66 -17.31
N GLY A 316 41.83 -1.67 -16.01
CA GLY A 316 41.73 -2.93 -15.26
C GLY A 316 40.62 -3.80 -15.81
N LEU A 317 39.46 -3.20 -16.11
CA LEU A 317 38.37 -3.94 -16.76
C LEU A 317 38.82 -4.51 -18.10
N MET A 318 39.39 -3.66 -18.93
CA MET A 318 39.84 -4.12 -20.27
C MET A 318 40.83 -5.27 -20.10
N ALA A 319 41.75 -5.20 -19.16
CA ALA A 319 42.70 -6.31 -18.91
C ALA A 319 41.93 -7.57 -18.48
N GLY A 320 41.01 -7.45 -17.53
CA GLY A 320 40.21 -8.61 -17.08
C GLY A 320 39.39 -9.20 -18.19
N LEU A 321 39.02 -8.41 -19.20
CA LEU A 321 38.23 -8.91 -20.34
C LEU A 321 39.17 -9.45 -21.42
N GLY A 322 40.46 -9.48 -21.13
CA GLY A 322 41.47 -10.02 -22.06
C GLY A 322 41.61 -9.18 -23.30
N ALA A 323 41.41 -7.85 -23.24
CA ALA A 323 41.36 -7.04 -24.48
C ALA A 323 42.77 -7.03 -25.11
N ALA B 5 -26.55 -15.26 24.48
CA ALA B 5 -26.90 -15.16 23.01
C ALA B 5 -27.43 -13.76 22.71
N GLY B 6 -27.00 -13.27 21.57
CA GLY B 6 -27.35 -11.89 21.17
C GLY B 6 -26.58 -11.54 19.92
N LEU B 7 -26.86 -10.34 19.42
CA LEU B 7 -26.22 -9.95 18.14
C LEU B 7 -24.70 -9.81 18.30
N ASN B 8 -24.25 -9.24 19.39
CA ASN B 8 -22.79 -8.98 19.63
C ASN B 8 -22.09 -10.30 19.98
N THR B 9 -22.71 -11.14 20.81
CA THR B 9 -22.17 -12.50 21.07
C THR B 9 -21.99 -13.23 19.74
N ALA B 10 -23.03 -13.23 18.91
CA ALA B 10 -23.05 -13.93 17.62
C ALA B 10 -21.98 -13.35 16.69
N ALA B 11 -21.87 -12.02 16.60
CA ALA B 11 -20.87 -11.38 15.71
C ALA B 11 -19.45 -11.79 16.13
N LYS B 12 -19.17 -11.73 17.44
CA LYS B 12 -17.81 -12.00 17.96
C LYS B 12 -17.50 -13.49 17.77
N ALA B 13 -18.52 -14.34 17.76
CA ALA B 13 -18.27 -15.78 17.51
C ALA B 13 -17.79 -16.02 16.08
N LYS B 14 -18.08 -15.11 15.13
CA LYS B 14 -17.67 -15.20 13.72
C LYS B 14 -16.44 -14.33 13.45
N GLY B 15 -15.79 -13.78 14.47
CA GLY B 15 -14.56 -13.00 14.31
C GLY B 15 -14.79 -11.51 14.05
N LEU B 16 -16.02 -11.02 14.08
CA LEU B 16 -16.27 -9.56 14.06
C LEU B 16 -15.77 -9.00 15.40
N LYS B 17 -15.37 -7.73 15.45
CA LYS B 17 -15.00 -7.08 16.72
C LYS B 17 -16.25 -6.71 17.49
N TYR B 18 -17.40 -6.45 16.83
CA TYR B 18 -18.60 -5.98 17.53
C TYR B 18 -19.82 -6.11 16.62
N PHE B 19 -20.96 -6.01 17.29
CA PHE B 19 -22.23 -5.63 16.67
C PHE B 19 -22.61 -4.45 17.61
N GLY B 20 -22.95 -3.27 17.10
CA GLY B 20 -23.22 -2.14 17.97
C GLY B 20 -24.37 -1.27 17.48
N SER B 21 -24.60 -0.20 18.22
CA SER B 21 -25.70 0.72 17.92
C SER B 21 -25.24 2.15 18.14
N ALA B 22 -25.74 3.06 17.31
CA ALA B 22 -25.71 4.49 17.64
C ALA B 22 -26.72 4.79 18.76
N THR B 23 -26.55 5.96 19.35
CA THR B 23 -27.56 6.49 20.32
C THR B 23 -27.48 8.00 20.27
N ASP B 24 -28.28 8.68 21.09
CA ASP B 24 -28.11 10.14 21.22
C ASP B 24 -28.47 10.54 22.66
N ASN B 25 -27.85 11.61 23.16
CA ASN B 25 -27.96 12.03 24.58
C ASN B 25 -29.40 12.12 25.07
N PRO B 26 -30.38 12.66 24.33
CA PRO B 26 -31.74 12.82 24.88
C PRO B 26 -32.31 11.45 25.28
N GLU B 27 -31.85 10.39 24.63
CA GLU B 27 -32.39 9.03 24.86
C GLU B 27 -31.87 8.45 26.15
N LEU B 28 -30.80 9.01 26.73
CA LEU B 28 -30.08 8.38 27.88
C LEU B 28 -30.86 8.63 29.19
N THR B 29 -31.96 9.37 29.14
CA THR B 29 -32.85 9.58 30.32
C THR B 29 -33.99 8.56 30.30
N ASP B 30 -34.10 7.75 29.27
CA ASP B 30 -35.12 6.69 29.15
C ASP B 30 -34.54 5.41 29.73
N SER B 31 -34.92 5.00 30.96
CA SER B 31 -34.19 3.91 31.67
C SER B 31 -34.35 2.56 30.95
N ALA B 32 -35.52 2.23 30.39
CA ALA B 32 -35.71 0.95 29.68
C ALA B 32 -34.88 0.98 28.38
N TYR B 33 -34.85 2.13 27.75
CA TYR B 33 -33.99 2.29 26.54
C TYR B 33 -32.53 2.01 26.92
N VAL B 34 -32.03 2.64 27.97
CA VAL B 34 -30.60 2.54 28.39
C VAL B 34 -30.28 1.10 28.81
N ALA B 35 -31.22 0.39 29.46
CA ALA B 35 -30.97 -1.01 29.89
C ALA B 35 -30.68 -1.91 28.67
N GLN B 36 -31.39 -1.70 27.55
CA GLN B 36 -31.18 -2.53 26.35
C GLN B 36 -29.98 -2.03 25.54
N LEU B 37 -29.74 -0.73 25.49
CA LEU B 37 -28.50 -0.21 24.88
C LEU B 37 -27.27 -0.77 25.61
N SER B 38 -27.43 -1.01 26.93
CA SER B 38 -26.34 -1.47 27.82
C SER B 38 -26.23 -2.99 27.85
N ASN B 39 -27.05 -3.68 27.08
CA ASN B 39 -27.07 -5.15 27.02
C ASN B 39 -25.95 -5.59 26.07
N THR B 40 -24.80 -6.00 26.59
CA THR B 40 -23.62 -6.33 25.77
C THR B 40 -23.81 -7.67 25.04
N ASP B 41 -24.85 -8.45 25.33
CA ASP B 41 -25.13 -9.62 24.48
C ASP B 41 -25.52 -9.10 23.07
N ASP B 42 -26.24 -7.96 23.01
CA ASP B 42 -26.70 -7.38 21.72
C ASP B 42 -25.74 -6.28 21.24
N PHE B 43 -25.15 -5.49 22.12
CA PHE B 43 -24.35 -4.32 21.65
C PHE B 43 -23.00 -4.27 22.31
N GLY B 44 -21.93 -4.42 21.53
CA GLY B 44 -20.54 -4.37 21.99
C GLY B 44 -19.86 -3.04 21.73
N GLN B 45 -20.63 -2.09 21.18
CA GLN B 45 -20.06 -0.88 20.56
C GLN B 45 -21.19 0.16 20.46
N ILE B 46 -20.81 1.41 20.68
CA ILE B 46 -21.73 2.58 20.62
C ILE B 46 -21.12 3.66 19.71
N THR B 47 -21.96 4.33 18.95
CA THR B 47 -21.65 5.60 18.25
C THR B 47 -22.51 6.72 18.82
N PRO B 48 -21.94 7.89 19.13
CA PRO B 48 -22.72 9.08 19.44
C PRO B 48 -23.31 9.61 18.13
N GLY B 49 -24.63 9.67 18.03
CA GLY B 49 -25.30 10.10 16.80
C GLY B 49 -25.09 11.58 16.52
N ASN B 50 -24.85 12.41 17.53
CA ASN B 50 -24.77 13.88 17.30
C ASN B 50 -23.69 14.58 18.14
N SER B 51 -23.37 14.10 19.32
CA SER B 51 -22.66 14.92 20.31
C SER B 51 -21.14 14.98 20.05
N MET B 52 -20.61 14.34 19.02
CA MET B 52 -19.19 14.56 18.65
C MET B 52 -19.09 15.26 17.29
N LYS B 53 -20.19 15.74 16.73
CA LYS B 53 -20.17 16.54 15.49
C LYS B 53 -19.64 17.95 15.75
N TRP B 54 -19.32 18.65 14.68
CA TRP B 54 -18.64 19.95 14.82
C TRP B 54 -19.53 20.96 15.56
N ASP B 55 -20.82 21.05 15.27
CA ASP B 55 -21.68 22.03 15.96
C ASP B 55 -21.76 21.71 17.44
N ALA B 56 -21.70 20.44 17.85
CA ALA B 56 -21.78 20.01 19.26
C ALA B 56 -20.46 20.30 19.97
N THR B 57 -19.33 20.09 19.33
CA THR B 57 -17.99 20.12 20.00
C THR B 57 -17.30 21.47 19.91
N GLU B 58 -17.56 22.24 18.87
CA GLU B 58 -16.92 23.59 18.73
C GLU B 58 -17.93 24.61 18.25
N PRO B 59 -18.93 24.93 19.10
CA PRO B 59 -20.05 25.77 18.66
C PRO B 59 -19.67 27.22 18.40
N SER B 60 -18.58 27.64 19.05
CA SER B 60 -17.90 28.90 18.69
C SER B 60 -16.42 28.60 18.48
N GLN B 61 -15.73 29.40 17.67
CA GLN B 61 -14.37 29.04 17.26
C GLN B 61 -13.46 29.00 18.48
N ASN B 62 -12.77 27.90 18.71
N ASN B 62 -12.63 27.98 18.52
CA ASN B 62 -11.77 27.76 19.80
CA ASN B 62 -11.68 27.64 19.59
C ASN B 62 -12.51 27.53 21.12
C ASN B 62 -12.37 27.70 20.96
N SER B 63 -13.83 27.35 21.10
N SER B 63 -13.65 27.35 21.04
CA SER B 63 -14.65 27.21 22.32
CA SER B 63 -14.38 27.17 22.31
C SER B 63 -15.22 25.78 22.36
C SER B 63 -15.08 25.81 22.25
N PHE B 64 -14.49 24.84 22.93
CA PHE B 64 -14.87 23.42 22.81
C PHE B 64 -15.84 23.01 23.92
N SER B 65 -16.75 22.13 23.56
N SER B 65 -16.76 22.11 23.60
CA SER B 65 -17.82 21.60 24.44
CA SER B 65 -17.83 21.64 24.50
C SER B 65 -17.78 20.09 24.31
C SER B 65 -17.96 20.12 24.40
N PHE B 66 -17.36 19.39 25.34
CA PHE B 66 -17.25 17.92 25.35
C PHE B 66 -18.25 17.22 26.29
N ALA B 67 -19.06 17.94 27.05
CA ALA B 67 -19.83 17.25 28.10
C ALA B 67 -20.76 16.18 27.49
N ASN B 68 -21.39 16.48 26.38
CA ASN B 68 -22.39 15.54 25.83
C ASN B 68 -21.65 14.37 25.19
N GLY B 69 -20.57 14.64 24.46
CA GLY B 69 -19.79 13.51 23.90
C GLY B 69 -19.21 12.63 24.99
N ASP B 70 -18.75 13.27 26.06
CA ASP B 70 -18.15 12.52 27.19
C ASP B 70 -19.22 11.66 27.89
N ALA B 71 -20.45 12.12 27.97
CA ALA B 71 -21.55 11.32 28.57
C ALA B 71 -21.69 10.00 27.82
N VAL B 72 -21.57 10.02 26.49
CA VAL B 72 -21.72 8.76 25.71
C VAL B 72 -20.52 7.88 25.95
N VAL B 73 -19.31 8.42 25.92
CA VAL B 73 -18.08 7.67 26.20
C VAL B 73 -18.19 7.03 27.61
N ASN B 74 -18.68 7.79 28.58
CA ASN B 74 -18.71 7.27 29.97
C ASN B 74 -19.67 6.07 30.03
N LEU B 75 -20.80 6.13 29.31
CA LEU B 75 -21.75 4.99 29.29
C LEU B 75 -21.06 3.78 28.66
N ALA B 76 -20.42 3.91 27.51
CA ALA B 76 -19.72 2.80 26.86
C ALA B 76 -18.68 2.21 27.82
N ASN B 77 -17.92 3.06 28.47
CA ASN B 77 -16.85 2.62 29.39
C ASN B 77 -17.48 1.85 30.56
N LYS B 78 -18.59 2.33 31.11
CA LYS B 78 -19.29 1.62 32.21
C LYS B 78 -19.71 0.23 31.73
N ASN B 79 -20.17 0.12 30.48
CA ASN B 79 -20.72 -1.13 29.90
C ASN B 79 -19.63 -2.05 29.38
N GLY B 80 -18.40 -1.59 29.18
CA GLY B 80 -17.33 -2.33 28.49
C GLY B 80 -17.59 -2.40 26.98
N GLN B 81 -18.20 -1.35 26.42
CA GLN B 81 -18.42 -1.28 24.96
C GLN B 81 -17.30 -0.47 24.30
N LEU B 82 -17.02 -0.79 23.05
CA LEU B 82 -16.18 0.03 22.17
C LEU B 82 -16.93 1.32 21.79
N MET B 83 -16.15 2.30 21.40
CA MET B 83 -16.72 3.54 20.81
C MET B 83 -16.32 3.62 19.34
N ARG B 84 -17.25 4.04 18.48
CA ARG B 84 -16.85 4.70 17.21
C ARG B 84 -17.15 6.17 17.39
N CYS B 85 -16.21 7.04 17.01
CA CYS B 85 -16.31 8.48 17.21
C CYS B 85 -16.61 9.14 15.87
N HIS B 86 -17.56 10.05 15.86
CA HIS B 86 -18.26 10.44 14.63
C HIS B 86 -18.68 11.90 14.81
N THR B 87 -18.30 12.85 13.96
CA THR B 87 -17.41 12.79 12.82
C THR B 87 -16.67 14.14 12.75
N LEU B 88 -15.45 14.17 12.26
CA LEU B 88 -14.61 15.38 12.37
C LEU B 88 -14.90 16.41 11.33
N VAL B 89 -14.92 16.04 10.08
CA VAL B 89 -15.07 16.97 8.93
C VAL B 89 -16.26 16.53 8.09
N TRP B 90 -17.27 17.38 8.01
CA TRP B 90 -18.54 17.07 7.36
C TRP B 90 -19.19 18.38 7.00
N HIS B 91 -19.90 18.39 5.89
CA HIS B 91 -20.60 19.60 5.39
C HIS B 91 -21.87 19.90 6.17
N SER B 92 -22.38 18.93 6.92
N SER B 92 -22.45 18.91 6.85
CA SER B 92 -23.68 19.09 7.63
CA SER B 92 -23.72 19.08 7.61
C SER B 92 -23.41 19.29 9.12
C SER B 92 -23.39 19.34 9.07
N GLN B 93 -24.32 19.96 9.80
CA GLN B 93 -24.21 20.21 11.25
C GLN B 93 -22.91 20.98 11.53
N LEU B 94 -22.54 21.90 10.65
CA LEU B 94 -21.51 22.91 10.93
C LEU B 94 -22.16 24.05 11.70
N PRO B 95 -21.44 24.60 12.69
CA PRO B 95 -21.90 25.85 13.27
C PRO B 95 -21.76 27.00 12.30
N ASN B 96 -22.51 28.06 12.57
CA ASN B 96 -22.60 29.24 11.70
C ASN B 96 -21.20 29.81 11.43
N TRP B 97 -20.36 29.85 12.44
CA TRP B 97 -19.04 30.49 12.22
C TRP B 97 -18.24 29.80 11.12
N VAL B 98 -18.44 28.51 10.86
CA VAL B 98 -17.72 27.88 9.74
C VAL B 98 -18.40 28.27 8.44
N SER B 99 -19.70 28.12 8.34
N SER B 99 -19.72 28.15 8.36
CA SER B 99 -20.41 28.39 7.07
CA SER B 99 -20.46 28.37 7.09
C SER B 99 -20.22 29.85 6.64
C SER B 99 -20.46 29.85 6.65
N SER B 100 -20.32 30.79 7.58
CA SER B 100 -20.41 32.24 7.30
C SER B 100 -19.04 32.90 7.25
N GLY B 101 -17.95 32.19 7.53
CA GLY B 101 -16.66 32.88 7.54
C GLY B 101 -16.20 33.32 6.17
N SER B 102 -15.38 34.38 6.11
N SER B 102 -15.52 34.46 6.11
CA SER B 102 -14.78 34.90 4.85
CA SER B 102 -14.77 34.88 4.90
C SER B 102 -13.37 34.33 4.67
C SER B 102 -13.40 34.25 5.03
N TRP B 103 -13.28 33.02 4.53
CA TRP B 103 -12.05 32.25 4.70
C TRP B 103 -11.12 32.44 3.52
N THR B 104 -9.86 32.29 3.83
CA THR B 104 -8.83 31.96 2.82
C THR B 104 -8.44 30.52 3.01
N ASN B 105 -7.71 29.96 2.08
CA ASN B 105 -7.19 28.60 2.30
C ASN B 105 -6.47 28.54 3.63
N ALA B 106 -5.58 29.51 3.92
CA ALA B 106 -4.79 29.44 5.16
C ALA B 106 -5.70 29.50 6.40
N THR B 107 -6.70 30.40 6.39
CA THR B 107 -7.49 30.54 7.63
C THR B 107 -8.46 29.37 7.80
N LEU B 108 -9.05 28.85 6.72
CA LEU B 108 -9.92 27.67 6.93
C LEU B 108 -9.08 26.44 7.27
N LEU B 109 -7.94 26.23 6.62
CA LEU B 109 -7.06 25.12 7.01
C LEU B 109 -6.75 25.21 8.49
N ALA B 110 -6.36 26.40 8.96
CA ALA B 110 -5.99 26.53 10.38
C ALA B 110 -7.19 26.18 11.28
N ALA B 111 -8.38 26.64 10.90
CA ALA B 111 -9.56 26.35 11.76
C ALA B 111 -9.91 24.86 11.72
N MET B 112 -9.80 24.23 10.54
CA MET B 112 -10.11 22.80 10.40
C MET B 112 -9.11 21.96 11.20
N LYS B 113 -7.82 22.30 11.07
CA LYS B 113 -6.79 21.52 11.78
C LYS B 113 -6.95 21.71 13.29
N ASN B 114 -7.24 22.94 13.73
CA ASN B 114 -7.47 23.20 15.17
C ASN B 114 -8.67 22.41 15.68
N HIS B 115 -9.74 22.32 14.89
CA HIS B 115 -10.93 21.53 15.31
C HIS B 115 -10.53 20.05 15.50
N ILE B 116 -9.86 19.49 14.50
CA ILE B 116 -9.47 18.06 14.56
C ILE B 116 -8.50 17.82 15.71
N THR B 117 -7.46 18.64 15.84
CA THR B 117 -6.45 18.41 16.89
C THR B 117 -7.09 18.47 18.28
N ASN B 118 -7.94 19.49 18.50
CA ASN B 118 -8.52 19.60 19.86
C ASN B 118 -9.49 18.44 20.12
N VAL B 119 -10.35 18.06 19.18
CA VAL B 119 -11.37 17.01 19.44
C VAL B 119 -10.67 15.63 19.55
N VAL B 120 -9.77 15.33 18.63
CA VAL B 120 -9.06 14.03 18.65
C VAL B 120 -8.18 13.94 19.93
N THR B 121 -7.51 15.02 20.31
CA THR B 121 -6.68 14.95 21.54
C THR B 121 -7.56 14.69 22.74
N HIS B 122 -8.72 15.36 22.83
CA HIS B 122 -9.63 15.14 23.97
C HIS B 122 -10.03 13.68 24.12
N TYR B 123 -10.36 13.02 23.01
CA TYR B 123 -10.85 11.62 22.98
C TYR B 123 -9.73 10.61 22.78
N LYS B 124 -8.47 11.00 22.89
CA LYS B 124 -7.33 10.08 22.71
C LYS B 124 -7.47 8.88 23.64
N GLY B 125 -7.40 7.70 23.08
CA GLY B 125 -7.50 6.47 23.87
C GLY B 125 -8.92 6.02 24.13
N LYS B 126 -9.93 6.74 23.64
CA LYS B 126 -11.33 6.42 23.98
C LYS B 126 -12.06 5.78 22.79
N CYS B 127 -11.52 5.89 21.57
CA CYS B 127 -12.27 5.57 20.33
C CYS B 127 -11.59 4.38 19.67
N TYR B 128 -12.38 3.40 19.22
CA TYR B 128 -11.87 2.35 18.32
C TYR B 128 -11.50 2.98 16.97
N ALA B 129 -12.40 3.85 16.50
CA ALA B 129 -12.29 4.49 15.17
C ALA B 129 -12.83 5.90 15.25
N TRP B 130 -12.34 6.74 14.37
CA TRP B 130 -12.96 8.03 13.99
C TRP B 130 -13.44 7.99 12.54
N ASP B 131 -14.64 8.51 12.29
CA ASP B 131 -15.06 8.94 10.93
C ASP B 131 -14.41 10.29 10.73
N VAL B 132 -13.26 10.36 10.09
CA VAL B 132 -12.46 11.59 9.99
C VAL B 132 -13.14 12.52 9.00
N VAL B 133 -13.48 12.03 7.80
CA VAL B 133 -14.19 12.77 6.76
C VAL B 133 -15.45 11.99 6.44
N ASN B 134 -16.56 12.69 6.42
CA ASN B 134 -17.89 12.10 6.15
C ASN B 134 -18.41 12.69 4.86
N GLU B 135 -18.91 11.84 3.96
CA GLU B 135 -19.77 12.28 2.82
C GLU B 135 -19.08 13.32 1.95
N ALA B 136 -17.87 13.02 1.50
CA ALA B 136 -17.11 13.97 0.67
C ALA B 136 -17.46 13.88 -0.81
N LEU B 137 -18.32 12.95 -1.22
CA LEU B 137 -18.54 12.65 -2.66
C LEU B 137 -19.95 13.01 -3.11
N ASN B 138 -20.05 13.52 -4.32
CA ASN B 138 -21.33 13.59 -5.05
C ASN B 138 -21.71 12.19 -5.55
N GLU B 139 -22.95 11.99 -5.99
CA GLU B 139 -23.40 10.69 -6.53
C GLU B 139 -22.60 10.31 -7.78
N ASP B 140 -22.13 11.28 -8.55
CA ASP B 140 -21.37 11.01 -9.78
C ASP B 140 -19.89 10.74 -9.50
N GLY B 141 -19.48 10.74 -8.23
CA GLY B 141 -18.09 10.47 -7.88
C GLY B 141 -17.16 11.67 -7.85
N THR B 142 -17.65 12.82 -8.24
CA THR B 142 -16.87 14.06 -8.07
C THR B 142 -16.94 14.48 -6.61
N PHE B 143 -16.07 15.39 -6.19
CA PHE B 143 -16.08 15.87 -4.81
C PHE B 143 -17.25 16.78 -4.55
N ARG B 144 -17.88 16.54 -3.41
CA ARG B 144 -18.94 17.43 -2.91
C ARG B 144 -18.36 18.84 -2.74
N ASN B 145 -19.11 19.84 -3.21
CA ASN B 145 -18.65 21.24 -3.17
C ASN B 145 -18.93 21.88 -1.81
N SER B 146 -18.47 21.26 -0.76
CA SER B 146 -18.55 21.84 0.60
C SER B 146 -17.60 23.00 0.76
N VAL B 147 -17.76 23.74 1.85
CA VAL B 147 -16.84 24.89 2.10
C VAL B 147 -15.39 24.37 2.09
N PHE B 148 -15.12 23.20 2.65
CA PHE B 148 -13.75 22.66 2.69
C PHE B 148 -13.22 22.46 1.28
N TYR B 149 -14.01 21.83 0.42
CA TYR B 149 -13.55 21.58 -0.97
C TYR B 149 -13.37 22.92 -1.70
N GLN B 150 -14.33 23.82 -1.58
CA GLN B 150 -14.31 25.07 -2.37
C GLN B 150 -13.09 25.89 -2.01
N ILE B 151 -12.70 25.94 -0.75
CA ILE B 151 -11.63 26.85 -0.24
C ILE B 151 -10.28 26.14 -0.31
N ILE B 152 -10.21 24.85 0.07
CA ILE B 152 -8.91 24.16 0.25
C ILE B 152 -8.61 23.30 -0.99
N GLY B 153 -9.63 22.79 -1.66
CA GLY B 153 -9.43 21.84 -2.75
C GLY B 153 -9.32 20.41 -2.21
N PRO B 154 -8.96 19.46 -3.08
CA PRO B 154 -8.98 18.07 -2.67
C PRO B 154 -8.05 17.70 -1.51
N ALA B 155 -6.97 18.47 -1.30
CA ALA B 155 -6.03 18.24 -0.21
C ALA B 155 -6.70 18.25 1.17
N TYR B 156 -7.88 18.84 1.31
CA TYR B 156 -8.46 18.90 2.67
C TYR B 156 -8.63 17.50 3.25
N ILE B 157 -8.88 16.52 2.39
CA ILE B 157 -9.13 15.14 2.86
C ILE B 157 -7.85 14.55 3.45
N PRO B 158 -6.75 14.40 2.70
CA PRO B 158 -5.56 13.84 3.33
C PRO B 158 -5.04 14.69 4.49
N ILE B 159 -5.16 16.04 4.37
CA ILE B 159 -4.69 16.89 5.49
C ILE B 159 -5.51 16.58 6.75
N ALA B 160 -6.83 16.37 6.60
CA ALA B 160 -7.64 16.03 7.78
C ALA B 160 -7.17 14.71 8.40
N PHE B 161 -6.92 13.66 7.58
CA PHE B 161 -6.44 12.36 8.09
C PHE B 161 -5.06 12.53 8.79
N ALA B 162 -4.16 13.25 8.14
CA ALA B 162 -2.81 13.42 8.74
C ALA B 162 -2.90 14.14 10.07
N THR B 163 -3.83 15.10 10.18
CA THR B 163 -3.98 15.89 11.40
C THR B 163 -4.53 14.99 12.49
N ALA B 164 -5.53 14.14 12.20
CA ALA B 164 -6.06 13.21 13.18
C ALA B 164 -4.98 12.22 13.64
N ALA B 165 -4.21 11.70 12.71
CA ALA B 165 -3.19 10.68 13.03
C ALA B 165 -2.15 11.28 13.98
N ALA B 166 -1.79 12.52 13.78
CA ALA B 166 -0.77 13.19 14.63
C ALA B 166 -1.32 13.30 16.05
N ALA B 167 -2.62 13.57 16.23
CA ALA B 167 -3.18 13.74 17.58
C ALA B 167 -3.48 12.42 18.28
N ASP B 168 -3.72 11.35 17.54
CA ASP B 168 -4.03 10.04 18.16
C ASP B 168 -3.53 8.99 17.18
N PRO B 169 -2.29 8.50 17.34
CA PRO B 169 -1.73 7.55 16.39
C PRO B 169 -2.33 6.15 16.40
N ASP B 170 -3.14 5.80 17.39
CA ASP B 170 -3.63 4.41 17.61
C ASP B 170 -5.04 4.22 17.02
N VAL B 171 -5.86 5.26 17.01
CA VAL B 171 -7.28 5.13 16.61
C VAL B 171 -7.34 4.79 15.12
N LYS B 172 -8.29 3.94 14.75
CA LYS B 172 -8.48 3.64 13.31
C LYS B 172 -9.11 4.83 12.60
N LEU B 173 -8.55 5.27 11.48
CA LEU B 173 -9.07 6.45 10.75
C LEU B 173 -9.90 5.98 9.57
N TYR B 174 -11.19 6.38 9.58
CA TYR B 174 -12.16 5.96 8.55
C TYR B 174 -12.59 7.13 7.68
N TYR B 175 -12.82 6.84 6.40
CA TYR B 175 -13.66 7.62 5.49
C TYR B 175 -15.06 6.99 5.46
N ASN B 176 -16.10 7.75 5.71
CA ASN B 176 -17.46 7.24 5.85
C ASN B 176 -18.36 7.88 4.78
N ASP B 177 -19.26 7.11 4.17
CA ASP B 177 -20.16 7.64 3.13
C ASP B 177 -21.34 6.70 2.92
N TYR B 178 -22.33 7.22 2.23
CA TYR B 178 -23.52 6.44 1.82
C TYR B 178 -23.45 6.18 0.33
N SER B 179 -24.25 5.22 -0.13
CA SER B 179 -24.36 4.88 -1.56
C SER B 179 -23.03 4.42 -2.13
N ILE B 180 -22.19 3.85 -1.27
CA ILE B 180 -20.87 3.24 -1.69
C ILE B 180 -20.93 1.75 -1.39
N GLU B 181 -22.10 1.17 -1.14
CA GLU B 181 -22.26 -0.25 -0.77
C GLU B 181 -22.54 -1.16 -1.96
N TYR B 182 -22.80 -0.56 -3.10
CA TYR B 182 -23.03 -1.21 -4.40
C TYR B 182 -22.02 -0.65 -5.40
N SER B 183 -21.73 -1.40 -6.46
CA SER B 183 -20.72 -1.00 -7.43
C SER B 183 -21.26 0.11 -8.30
N GLY B 184 -20.53 1.20 -8.40
CA GLY B 184 -20.90 2.37 -9.18
C GLY B 184 -19.85 3.46 -9.06
N ALA B 185 -20.13 4.58 -9.67
CA ALA B 185 -19.18 5.70 -9.70
C ALA B 185 -18.82 6.13 -8.28
N LYS B 186 -19.76 6.11 -7.35
CA LYS B 186 -19.49 6.66 -6.03
C LYS B 186 -18.59 5.70 -5.26
N ALA B 187 -18.86 4.41 -5.27
CA ALA B 187 -17.97 3.43 -4.62
C ALA B 187 -16.56 3.50 -5.24
N THR B 188 -16.47 3.62 -6.54
CA THR B 188 -15.15 3.72 -7.21
C THR B 188 -14.44 4.99 -6.72
N ALA B 189 -15.15 6.10 -6.55
CA ALA B 189 -14.53 7.33 -6.03
C ALA B 189 -14.10 7.17 -4.57
N ALA B 190 -14.82 6.39 -3.79
CA ALA B 190 -14.44 6.12 -2.41
C ALA B 190 -13.17 5.27 -2.43
N GLN B 191 -13.07 4.27 -3.29
CA GLN B 191 -11.79 3.52 -3.44
C GLN B 191 -10.69 4.53 -3.78
N ASN B 192 -10.96 5.48 -4.68
CA ASN B 192 -9.95 6.46 -5.09
C ASN B 192 -9.55 7.37 -3.93
N ILE B 193 -10.44 7.67 -3.00
CA ILE B 193 -10.06 8.46 -1.80
C ILE B 193 -9.06 7.64 -0.97
N VAL B 194 -9.25 6.34 -0.81
CA VAL B 194 -8.25 5.50 -0.13
C VAL B 194 -6.91 5.65 -0.83
N LYS B 195 -6.89 5.56 -2.15
CA LYS B 195 -5.61 5.59 -2.90
C LYS B 195 -4.96 6.96 -2.72
N MET B 196 -5.76 8.00 -2.80
CA MET B 196 -5.28 9.40 -2.74
C MET B 196 -4.67 9.64 -1.36
N ILE B 197 -5.28 9.22 -0.29
CA ILE B 197 -4.77 9.56 1.04
C ILE B 197 -3.38 8.89 1.18
N LYS B 198 -3.23 7.65 0.76
CA LYS B 198 -1.90 6.96 0.81
C LYS B 198 -0.93 7.65 -0.13
N ALA B 199 -1.31 8.10 -1.29
CA ALA B 199 -0.42 8.82 -2.24
C ALA B 199 0.15 10.08 -1.60
N TYR B 200 -0.63 10.77 -0.79
CA TYR B 200 -0.21 11.96 -0.04
C TYR B 200 0.64 11.56 1.15
N GLY B 201 0.77 10.27 1.49
CA GLY B 201 1.55 9.82 2.63
C GLY B 201 0.84 9.90 3.95
N ALA B 202 -0.46 10.13 3.91
CA ALA B 202 -1.31 10.12 5.11
C ALA B 202 -1.94 8.74 5.33
N LYS B 203 -2.47 8.55 6.51
CA LYS B 203 -2.97 7.26 6.95
C LYS B 203 -4.48 7.15 6.81
N ILE B 204 -4.97 6.07 6.23
CA ILE B 204 -6.42 5.71 6.28
C ILE B 204 -6.50 4.21 6.58
N ASP B 205 -7.20 3.84 7.61
CA ASP B 205 -7.34 2.45 8.05
C ASP B 205 -8.61 1.78 7.50
N GLY B 206 -9.69 2.54 7.33
CA GLY B 206 -11.01 1.94 7.13
C GLY B 206 -11.86 2.71 6.16
N VAL B 207 -12.80 1.99 5.53
CA VAL B 207 -13.95 2.60 4.85
C VAL B 207 -15.21 2.24 5.60
N GLY B 208 -15.99 3.26 5.93
CA GLY B 208 -17.29 3.11 6.60
C GLY B 208 -18.42 3.20 5.59
N LEU B 209 -19.24 2.16 5.53
CA LEU B 209 -20.36 2.05 4.58
C LEU B 209 -21.61 2.29 5.39
N GLN B 210 -22.28 3.40 5.21
CA GLN B 210 -23.39 3.78 6.12
C GLN B 210 -24.52 2.76 6.06
N ALA B 211 -24.88 2.25 4.90
CA ALA B 211 -25.91 1.19 4.76
C ALA B 211 -27.27 1.71 5.22
N HIS B 212 -27.66 2.90 4.76
CA HIS B 212 -29.07 3.37 4.84
C HIS B 212 -29.84 2.80 3.66
N PHE B 213 -30.36 1.60 3.82
CA PHE B 213 -31.03 0.83 2.76
C PHE B 213 -32.55 0.95 2.87
N ILE B 214 -33.17 0.44 1.83
CA ILE B 214 -34.65 0.46 1.66
C ILE B 214 -35.13 -1.00 1.60
N VAL B 215 -36.23 -1.27 2.31
CA VAL B 215 -36.79 -2.63 2.32
C VAL B 215 -37.23 -3.02 0.92
N GLY B 216 -36.77 -4.17 0.47
CA GLY B 216 -37.10 -4.65 -0.89
C GLY B 216 -36.20 -4.09 -1.96
N SER B 217 -35.28 -3.17 -1.62
CA SER B 217 -34.34 -2.54 -2.58
C SER B 217 -32.94 -2.62 -2.00
N THR B 218 -32.67 -3.56 -1.12
CA THR B 218 -31.35 -3.74 -0.47
C THR B 218 -30.49 -4.60 -1.38
N PRO B 219 -29.21 -4.31 -1.61
CA PRO B 219 -28.42 -5.19 -2.45
C PRO B 219 -28.33 -6.59 -1.84
N SER B 220 -28.14 -7.57 -2.72
CA SER B 220 -28.03 -8.98 -2.32
C SER B 220 -26.78 -9.19 -1.48
N GLN B 221 -26.77 -10.23 -0.68
CA GLN B 221 -25.58 -10.63 0.08
C GLN B 221 -24.36 -10.73 -0.85
N SER B 222 -24.49 -11.39 -1.99
CA SER B 222 -23.30 -11.60 -2.88
C SER B 222 -22.84 -10.27 -3.45
N ASP B 223 -23.76 -9.37 -3.77
CA ASP B 223 -23.36 -8.05 -4.32
C ASP B 223 -22.63 -7.28 -3.20
N LEU B 224 -23.18 -7.27 -2.01
CA LEU B 224 -22.59 -6.51 -0.86
C LEU B 224 -21.19 -7.03 -0.59
N THR B 225 -21.02 -8.34 -0.62
CA THR B 225 -19.72 -8.98 -0.30
C THR B 225 -18.69 -8.55 -1.33
N THR B 226 -19.02 -8.60 -2.61
CA THR B 226 -18.08 -8.20 -3.70
C THR B 226 -17.65 -6.75 -3.44
N VAL B 227 -18.56 -5.87 -3.06
CA VAL B 227 -18.16 -4.46 -2.86
C VAL B 227 -17.29 -4.36 -1.61
N LEU B 228 -17.58 -5.05 -0.52
CA LEU B 228 -16.70 -4.97 0.65
C LEU B 228 -15.29 -5.42 0.25
N LYS B 229 -15.19 -6.52 -0.49
CA LYS B 229 -13.87 -7.07 -0.89
C LYS B 229 -13.19 -6.10 -1.84
N GLY B 230 -13.89 -5.26 -2.61
CA GLY B 230 -13.28 -4.22 -3.42
C GLY B 230 -12.53 -3.18 -2.57
N TYR B 231 -12.97 -2.95 -1.33
CA TYR B 231 -12.24 -2.05 -0.44
C TYR B 231 -11.13 -2.86 0.27
N THR B 232 -11.42 -4.04 0.82
CA THR B 232 -10.36 -4.77 1.58
C THR B 232 -9.21 -5.14 0.64
N ALA B 233 -9.45 -5.26 -0.63
CA ALA B 233 -8.39 -5.52 -1.63
C ALA B 233 -7.36 -4.42 -1.65
N LEU B 234 -7.73 -3.21 -1.22
CA LEU B 234 -6.85 -2.01 -1.24
C LEU B 234 -6.10 -1.84 0.07
N GLY B 235 -6.25 -2.76 1.02
CA GLY B 235 -5.49 -2.73 2.29
C GLY B 235 -6.12 -1.82 3.33
N VAL B 236 -7.45 -1.75 3.32
CA VAL B 236 -8.20 -1.16 4.45
C VAL B 236 -9.17 -2.18 5.05
N GLU B 237 -9.60 -1.90 6.26
CA GLU B 237 -10.73 -2.61 6.87
C GLU B 237 -12.02 -1.90 6.49
N VAL B 238 -13.13 -2.59 6.71
CA VAL B 238 -14.45 -2.00 6.40
C VAL B 238 -15.39 -2.26 7.57
N ALA B 239 -16.44 -1.46 7.64
CA ALA B 239 -17.55 -1.71 8.57
C ALA B 239 -18.80 -1.12 7.99
N TYR B 240 -19.94 -1.71 8.32
CA TYR B 240 -21.24 -1.05 8.09
C TYR B 240 -21.50 -0.20 9.32
N THR B 241 -21.63 1.11 9.13
CA THR B 241 -21.55 2.08 10.23
C THR B 241 -22.90 2.64 10.66
N GLU B 242 -23.92 2.66 9.82
CA GLU B 242 -25.18 3.38 10.14
C GLU B 242 -26.37 2.57 9.62
N LEU B 243 -26.29 1.25 9.75
CA LEU B 243 -27.27 0.36 9.09
C LEU B 243 -28.70 0.62 9.61
N ASP B 244 -29.61 0.84 8.66
CA ASP B 244 -31.06 0.79 8.90
C ASP B 244 -31.69 0.47 7.56
N ILE B 245 -32.91 -0.05 7.61
CA ILE B 245 -33.56 -0.51 6.35
C ILE B 245 -34.98 -0.01 6.36
N ARG B 246 -35.20 1.15 5.79
CA ARG B 246 -36.48 1.88 5.91
C ARG B 246 -37.53 1.28 4.98
N MET B 247 -38.77 1.29 5.46
CA MET B 247 -39.86 0.72 4.66
C MET B 247 -40.87 1.82 4.38
N GLN B 248 -41.53 1.65 3.25
CA GLN B 248 -42.66 2.50 2.90
C GLN B 248 -43.80 2.18 3.86
N LEU B 249 -44.28 3.15 4.60
CA LEU B 249 -45.36 2.94 5.59
C LEU B 249 -46.68 2.82 4.82
N PRO B 250 -47.68 2.08 5.32
CA PRO B 250 -47.65 1.46 6.64
C PRO B 250 -46.90 0.11 6.68
N SER B 251 -46.37 -0.19 7.84
CA SER B 251 -45.77 -1.50 8.14
C SER B 251 -46.83 -2.61 7.88
N THR B 252 -46.38 -3.73 7.33
CA THR B 252 -47.21 -4.97 7.20
C THR B 252 -46.32 -6.15 7.52
N ALA B 253 -46.90 -7.30 7.83
CA ALA B 253 -46.10 -8.49 8.13
C ALA B 253 -45.23 -8.86 6.93
N ALA B 254 -45.76 -8.74 5.70
CA ALA B 254 -44.98 -9.10 4.49
C ALA B 254 -43.75 -8.17 4.42
N LYS B 255 -43.92 -6.90 4.70
CA LYS B 255 -42.78 -5.94 4.65
C LYS B 255 -41.79 -6.28 5.75
N LEU B 256 -42.24 -6.67 6.94
CA LEU B 256 -41.34 -7.00 8.06
C LEU B 256 -40.51 -8.22 7.72
N ALA B 257 -41.10 -9.20 7.04
CA ALA B 257 -40.38 -10.40 6.61
C ALA B 257 -39.35 -10.04 5.54
N GLN B 258 -39.71 -9.20 4.58
CA GLN B 258 -38.71 -8.75 3.58
C GLN B 258 -37.58 -7.98 4.29
N GLN B 259 -37.92 -7.18 5.27
CA GLN B 259 -36.93 -6.39 6.03
C GLN B 259 -35.96 -7.34 6.73
N SER B 260 -36.45 -8.47 7.25
CA SER B 260 -35.59 -9.45 7.93
C SER B 260 -34.62 -10.06 6.91
N THR B 261 -35.10 -10.43 5.70
CA THR B 261 -34.24 -10.99 4.66
C THR B 261 -33.12 -9.97 4.32
N ASP B 262 -33.53 -8.73 4.21
CA ASP B 262 -32.58 -7.65 3.81
C ASP B 262 -31.50 -7.49 4.86
N PHE B 263 -31.87 -7.42 6.15
CA PHE B 263 -30.92 -7.32 7.27
C PHE B 263 -30.00 -8.54 7.27
N GLN B 264 -30.59 -9.72 7.11
CA GLN B 264 -29.80 -10.97 7.17
C GLN B 264 -28.65 -10.88 6.17
N GLY B 265 -28.92 -10.45 4.92
CA GLY B 265 -27.88 -10.42 3.89
C GLY B 265 -26.75 -9.44 4.23
N VAL B 266 -27.07 -8.33 4.87
CA VAL B 266 -26.03 -7.33 5.29
C VAL B 266 -25.10 -7.94 6.33
N ALA B 267 -25.67 -8.58 7.36
CA ALA B 267 -24.82 -9.24 8.37
C ALA B 267 -23.99 -10.36 7.73
N ALA B 268 -24.58 -11.16 6.88
CA ALA B 268 -23.87 -12.32 6.28
C ALA B 268 -22.75 -11.83 5.37
N ALA B 269 -22.93 -10.70 4.67
CA ALA B 269 -21.88 -10.15 3.80
C ALA B 269 -20.67 -9.78 4.67
N CYS B 270 -20.90 -9.13 5.82
CA CYS B 270 -19.82 -8.73 6.73
C CYS B 270 -19.11 -9.99 7.29
N VAL B 271 -19.88 -10.98 7.72
CA VAL B 271 -19.27 -12.23 8.25
C VAL B 271 -18.41 -12.88 7.17
N SER B 272 -18.84 -12.81 5.90
N SER B 272 -18.80 -12.81 5.90
CA SER B 272 -18.13 -13.46 4.75
CA SER B 272 -18.08 -13.52 4.82
C SER B 272 -16.78 -12.79 4.48
C SER B 272 -16.86 -12.74 4.33
N THR B 273 -16.61 -11.55 4.89
CA THR B 273 -15.50 -10.70 4.45
C THR B 273 -14.48 -10.52 5.56
N THR B 274 -13.31 -11.12 5.41
CA THR B 274 -12.19 -10.86 6.32
C THR B 274 -11.90 -9.35 6.23
N GLY B 275 -11.80 -8.73 7.34
CA GLY B 275 -11.54 -7.30 7.33
C GLY B 275 -12.81 -6.48 7.49
N CYS B 276 -13.99 -7.11 7.50
CA CYS B 276 -15.22 -6.42 7.95
C CYS B 276 -15.29 -6.57 9.46
N VAL B 277 -14.99 -5.52 10.21
CA VAL B 277 -14.79 -5.62 11.67
C VAL B 277 -16.11 -5.56 12.40
N GLY B 278 -17.18 -5.10 11.78
CA GLY B 278 -18.41 -4.98 12.56
C GLY B 278 -19.54 -4.31 11.81
N VAL B 279 -20.67 -4.28 12.48
CA VAL B 279 -21.92 -3.68 12.02
C VAL B 279 -22.45 -2.81 13.14
N THR B 280 -22.76 -1.56 12.86
CA THR B 280 -23.47 -0.66 13.76
C THR B 280 -24.81 -0.31 13.12
N ILE B 281 -25.91 -0.48 13.83
CA ILE B 281 -27.24 -0.01 13.40
C ILE B 281 -27.43 1.42 13.91
N TRP B 282 -28.16 2.22 13.12
CA TRP B 282 -28.32 3.65 13.46
C TRP B 282 -29.48 3.83 14.45
N ASP B 283 -29.10 3.56 15.69
CA ASP B 283 -30.01 3.30 16.83
C ASP B 283 -30.66 1.95 16.60
N TRP B 284 -31.48 1.50 17.56
CA TRP B 284 -31.91 0.08 17.57
C TRP B 284 -33.43 -0.05 17.66
N THR B 285 -34.13 1.01 18.06
CA THR B 285 -35.60 1.03 18.20
C THR B 285 -36.21 2.05 17.27
N ASP B 286 -37.24 1.63 16.55
CA ASP B 286 -38.02 2.53 15.67
C ASP B 286 -38.45 3.81 16.37
N LYS B 287 -38.63 3.79 17.70
CA LYS B 287 -39.08 4.99 18.42
C LYS B 287 -38.14 6.16 18.13
N TYR B 288 -36.84 5.86 18.07
CA TYR B 288 -35.82 6.93 18.03
C TYR B 288 -35.15 7.04 16.65
N SER B 289 -35.63 6.33 15.66
CA SER B 289 -35.01 6.40 14.31
C SER B 289 -35.09 7.80 13.75
N TRP B 290 -34.02 8.23 13.11
CA TRP B 290 -33.94 9.50 12.33
C TRP B 290 -34.80 9.43 11.09
N VAL B 291 -35.21 8.25 10.64
CA VAL B 291 -35.75 8.13 9.26
C VAL B 291 -37.04 8.92 9.06
N PRO B 292 -38.10 8.74 9.88
CA PRO B 292 -39.41 9.29 9.48
C PRO B 292 -39.40 10.79 9.20
N SER B 293 -38.57 11.53 9.91
CA SER B 293 -38.58 13.01 9.79
C SER B 293 -37.73 13.46 8.60
N VAL B 294 -36.95 12.59 7.97
CA VAL B 294 -36.09 12.89 6.80
C VAL B 294 -36.67 12.30 5.50
N PHE B 295 -37.23 11.08 5.55
CA PHE B 295 -37.69 10.34 4.35
C PHE B 295 -39.22 10.25 4.44
N GLN B 296 -39.92 11.23 3.89
CA GLN B 296 -41.39 11.30 4.06
C GLN B 296 -42.03 10.00 3.54
N GLY B 297 -42.88 9.43 4.37
CA GLY B 297 -43.66 8.24 4.02
C GLY B 297 -42.90 6.96 4.31
N TYR B 298 -41.66 7.06 4.82
CA TYR B 298 -40.85 5.89 5.24
C TYR B 298 -40.63 5.84 6.73
N GLY B 299 -40.38 4.61 7.23
CA GLY B 299 -40.21 4.42 8.67
C GLY B 299 -39.91 2.99 9.05
N ALA B 300 -40.18 2.64 10.31
CA ALA B 300 -40.02 1.31 10.92
C ALA B 300 -38.74 0.62 10.45
N PRO B 301 -37.57 1.26 10.61
CA PRO B 301 -36.38 0.78 9.93
C PRO B 301 -35.44 -0.15 10.69
N LEU B 302 -35.77 -0.47 11.94
CA LEU B 302 -34.80 -1.08 12.86
C LEU B 302 -35.26 -2.42 13.41
N PRO B 303 -34.40 -3.15 14.13
CA PRO B 303 -34.76 -4.51 14.55
C PRO B 303 -35.65 -4.59 15.79
N TRP B 304 -35.87 -3.47 16.45
CA TRP B 304 -36.87 -3.44 17.56
C TRP B 304 -37.89 -2.37 17.21
N ASP B 305 -39.14 -2.57 17.64
CA ASP B 305 -40.23 -1.62 17.39
C ASP B 305 -40.24 -0.52 18.45
N GLU B 306 -41.20 0.39 18.35
CA GLU B 306 -41.29 1.60 19.18
C GLU B 306 -41.65 1.25 20.63
N ASN B 307 -41.99 0.01 20.93
CA ASN B 307 -42.24 -0.46 22.33
C ASN B 307 -41.04 -1.26 22.83
N TYR B 308 -39.93 -1.28 22.09
CA TYR B 308 -38.69 -2.00 22.45
C TYR B 308 -38.90 -3.53 22.37
N VAL B 309 -39.83 -3.98 21.51
CA VAL B 309 -40.09 -5.41 21.24
C VAL B 309 -39.41 -5.81 19.92
N LYS B 310 -38.72 -6.91 19.94
CA LYS B 310 -38.02 -7.40 18.74
C LYS B 310 -39.00 -7.57 17.59
N LYS B 311 -38.53 -7.19 16.40
CA LYS B 311 -39.18 -7.44 15.09
C LYS B 311 -38.52 -8.62 14.41
N PRO B 312 -39.13 -9.15 13.32
CA PRO B 312 -38.51 -10.23 12.57
C PRO B 312 -37.05 -9.97 12.20
N ALA B 313 -36.71 -8.71 11.90
CA ALA B 313 -35.31 -8.40 11.54
C ALA B 313 -34.30 -8.75 12.63
N TYR B 314 -34.70 -8.81 13.89
CA TYR B 314 -33.76 -9.29 14.91
C TYR B 314 -33.31 -10.71 14.58
N ASP B 315 -34.30 -11.57 14.25
CA ASP B 315 -34.01 -12.97 13.88
C ASP B 315 -33.23 -13.02 12.57
N GLY B 316 -33.55 -12.14 11.61
CA GLY B 316 -32.79 -12.10 10.37
C GLY B 316 -31.33 -11.80 10.64
N LEU B 317 -31.05 -10.82 11.49
CA LEU B 317 -29.67 -10.49 11.88
C LEU B 317 -28.99 -11.71 12.51
N MET B 318 -29.67 -12.32 13.46
CA MET B 318 -29.03 -13.49 14.12
C MET B 318 -28.72 -14.56 13.09
N ALA B 319 -29.62 -14.83 12.13
CA ALA B 319 -29.39 -15.82 11.05
C ALA B 319 -28.16 -15.42 10.23
N GLY B 320 -28.06 -14.15 9.85
CA GLY B 320 -26.94 -13.70 9.01
C GLY B 320 -25.63 -13.70 9.75
N LEU B 321 -25.66 -13.63 11.09
CA LEU B 321 -24.45 -13.75 11.91
C LEU B 321 -24.16 -15.22 12.24
N GLY B 322 -24.91 -16.15 11.66
CA GLY B 322 -24.63 -17.61 11.79
C GLY B 322 -24.98 -18.12 13.17
N ALA B 323 -25.93 -17.51 13.90
CA ALA B 323 -26.35 -17.98 15.24
C ALA B 323 -27.47 -19.03 15.10
C1 XYS C . 20.15 -2.28 -4.36
C2 XYS C . 19.19 -2.29 -5.59
C3 XYS C . 19.36 -1.09 -6.53
C4 XYS C . 19.58 0.19 -5.74
C5 XYS C . 20.75 -0.01 -4.81
O1 XYS C . 21.38 -2.76 -4.71
O2 XYS C . 19.14 -3.58 -6.28
O3 XYS C . 18.18 -0.85 -7.28
O4 XYS C . 19.77 1.29 -6.65
O5 XYS C . 20.38 -0.97 -3.81
C1 XYP C . 19.63 2.55 -6.00
C2 XYP C . 19.64 3.66 -6.99
C3 XYP C . 19.43 5.02 -6.32
C4 XYP C . 18.16 4.98 -5.49
C5 XYP C . 18.20 3.78 -4.56
O2 XYP C . 20.85 3.65 -7.74
O3 XYP C . 19.32 6.02 -7.33
O4 XYP C . 18.09 6.18 -4.71
O5 XYP C . 18.39 2.56 -5.31
C1 NAG D . -0.50 -17.85 1.47
C2 NAG D . 0.11 -18.83 2.42
C3 NAG D . 0.98 -19.79 1.62
C4 NAG D . 0.22 -20.33 0.43
C5 NAG D . -0.43 -19.24 -0.44
C6 NAG D . -1.25 -19.68 -1.64
C7 NAG D . 0.40 -18.10 4.74
C8 NAG D . 1.27 -17.41 5.73
N2 NAG D . 0.83 -18.16 3.47
O3 NAG D . 1.37 -20.79 2.53
O4 NAG D . 1.10 -20.98 -0.53
O5 NAG D . -1.24 -18.47 0.42
O6 NAG D . -2.25 -20.56 -1.17
O7 NAG D . -0.68 -18.57 5.09
C1 NAG D . 1.53 -22.27 -0.18
C2 NAG D . 1.82 -23.01 -1.45
C3 NAG D . 2.52 -24.33 -1.14
C4 NAG D . 3.70 -24.13 -0.20
C5 NAG D . 3.28 -23.35 1.03
C6 NAG D . 4.46 -22.96 1.87
C7 NAG D . 0.34 -22.61 -3.34
C8 NAG D . -0.98 -22.97 -3.98
N2 NAG D . 0.59 -23.24 -2.18
O3 NAG D . 2.91 -24.94 -2.40
O4 NAG D . 4.22 -25.35 0.30
O5 NAG D . 2.74 -22.13 0.61
O6 NAG D . 4.05 -22.15 2.96
O7 NAG D . 1.06 -21.76 -3.93
C1 BMA D . 5.47 -25.77 -0.27
C2 BMA D . 6.23 -26.57 0.75
C3 BMA D . 7.55 -26.98 0.08
C4 BMA D . 7.33 -27.65 -1.25
C5 BMA D . 6.45 -26.82 -2.16
C6 BMA D . 5.94 -27.50 -3.41
O2 BMA D . 5.44 -27.74 1.06
O3 BMA D . 8.27 -27.92 0.88
O4 BMA D . 8.59 -27.71 -1.95
O5 BMA D . 5.21 -26.44 -1.49
O6 BMA D . 5.37 -28.73 -2.92
C1 MAN D . 9.13 -27.35 1.84
C2 MAN D . 10.13 -28.42 2.29
C3 MAN D . 9.37 -29.48 3.00
C4 MAN D . 8.68 -28.88 4.21
C5 MAN D . 7.69 -27.81 3.75
C6 MAN D . 6.93 -27.12 4.88
O2 MAN D . 11.11 -27.86 3.14
O3 MAN D . 10.29 -30.48 3.48
O4 MAN D . 7.94 -29.92 4.91
O5 MAN D . 8.41 -26.80 2.99
O6 MAN D . 7.94 -26.48 5.70
C1 MAN D . 12.35 -27.59 2.48
C2 MAN D . 13.38 -27.46 3.60
C3 MAN D . 13.09 -26.24 4.43
C4 MAN D . 13.05 -24.97 3.58
C5 MAN D . 11.99 -25.18 2.51
C6 MAN D . 12.03 -24.04 1.50
O2 MAN D . 14.72 -27.30 3.08
O3 MAN D . 14.13 -26.14 5.42
O4 MAN D . 12.82 -23.71 4.22
O5 MAN D . 12.25 -26.35 1.77
O6 MAN D . 10.92 -24.15 0.58
C1 MAN D . 7.44 -25.83 6.88
C2 MAN D . 8.59 -25.09 7.51
C3 MAN D . 9.63 -26.10 8.01
C4 MAN D . 8.99 -27.15 8.91
C5 MAN D . 7.89 -27.82 8.11
C6 MAN D . 7.27 -28.98 8.89
O2 MAN D . 8.11 -24.34 8.63
O3 MAN D . 10.72 -25.48 8.68
O4 MAN D . 9.95 -28.13 9.24
O5 MAN D . 6.92 -26.82 7.77
O6 MAN D . 6.06 -28.45 9.44
C1 MAN D . 4.75 -29.54 -3.96
C2 MAN D . 3.91 -30.63 -3.23
C3 MAN D . 4.81 -31.56 -2.40
C4 MAN D . 5.94 -32.13 -3.28
C5 MAN D . 6.65 -31.02 -4.07
C6 MAN D . 7.68 -31.56 -5.03
O2 MAN D . 3.20 -31.28 -4.29
O3 MAN D . 4.08 -32.63 -1.72
O4 MAN D . 6.91 -32.83 -2.46
O5 MAN D . 5.72 -30.22 -4.80
O6 MAN D . 7.01 -32.34 -6.05
C1 XYS E . -25.54 10.85 7.71
C2 XYS E . -24.56 11.03 8.91
C3 XYS E . -25.25 10.84 10.27
C4 XYS E . -26.61 11.50 10.32
C5 XYS E . -27.43 11.02 9.17
O1 XYS E . -25.80 9.54 7.50
O2 XYS E . -23.31 10.30 8.80
O3 XYS E . -24.51 11.47 11.30
O4 XYS E . -27.18 11.22 11.62
O5 XYS E . -26.83 11.47 7.94
C1 XYP E . -28.32 12.07 11.86
C2 XYP E . -28.81 11.92 13.24
C3 XYP E . -29.95 12.88 13.53
C4 XYP E . -29.58 14.31 13.13
C5 XYP E . -29.03 14.33 11.73
O2 XYP E . -29.21 10.56 13.42
O3 XYP E . -30.31 12.79 14.91
O4 XYP E . -30.75 15.15 13.16
O5 XYP E . -27.92 13.41 11.64
C1 NAG F . -4.31 25.20 0.26
C2 NAG F . -4.18 24.84 -1.21
C3 NAG F . -3.65 23.39 -1.36
C4 NAG F . -2.40 23.20 -0.52
C5 NAG F . -2.64 23.66 0.93
C6 NAG F . -1.49 23.49 1.86
C7 NAG F . -5.77 25.99 -2.72
C8 NAG F . -7.15 26.04 -3.31
N2 NAG F . -5.41 25.05 -1.90
O3 NAG F . -3.43 23.19 -2.77
O4 NAG F . -2.08 21.82 -0.37
O5 NAG F . -3.09 25.03 0.94
O6 NAG F . -0.40 24.23 1.31
O7 NAG F . -4.88 26.87 -2.93
C1 NAG F . -1.48 21.16 -1.52
C2 NAG F . -0.68 20.02 -0.93
C3 NAG F . -0.15 19.21 -2.12
C4 NAG F . -1.28 18.82 -3.07
C5 NAG F . -2.05 20.03 -3.53
C6 NAG F . -3.24 19.69 -4.35
C7 NAG F . 0.49 20.39 1.18
C8 NAG F . 1.70 20.99 1.90
N2 NAG F . 0.42 20.58 -0.11
O3 NAG F . 0.56 18.13 -1.61
O4 NAG F . -0.74 18.26 -4.31
O5 NAG F . -2.53 20.74 -2.35
O6 NAG F . -4.08 20.83 -4.68
O7 NAG F . -0.35 19.79 1.84
C1 BMA F . -0.88 16.84 -4.39
C2 BMA F . -1.05 16.41 -5.82
C3 BMA F . -1.23 14.89 -5.87
C4 BMA F . -0.13 14.26 -5.08
C5 BMA F . 0.06 14.81 -3.67
C6 BMA F . 1.28 14.32 -2.89
O2 BMA F . 0.10 16.85 -6.57
O3 BMA F . -1.21 14.42 -7.24
O4 BMA F . -0.49 12.87 -4.88
O5 BMA F . 0.17 16.22 -3.71
O6 BMA F . 2.42 14.64 -3.75
C1 MAN F . -2.44 14.43 -7.93
C2 MAN F . -2.26 13.43 -9.09
C3 MAN F . -1.29 13.97 -10.09
C4 MAN F . -1.80 15.32 -10.58
C5 MAN F . -1.91 16.29 -9.39
C6 MAN F . -2.47 17.70 -9.77
O2 MAN F . -3.52 13.30 -9.74
O3 MAN F . -1.20 12.97 -11.16
O4 MAN F . -0.79 15.85 -11.47
O5 MAN F . -2.80 15.75 -8.40
O6 MAN F . -3.77 17.53 -10.34
C1 MAN F . -4.30 12.14 -9.42
C2 MAN F . -5.42 11.96 -10.44
C3 MAN F . -6.52 12.99 -10.26
C4 MAN F . -7.03 12.97 -8.84
C5 MAN F . -5.84 13.17 -7.91
C6 MAN F . -6.25 13.12 -6.45
O2 MAN F . -6.03 10.65 -10.20
O3 MAN F . -7.66 12.67 -11.12
O4 MAN F . -7.95 14.10 -8.68
O5 MAN F . -4.84 12.15 -8.11
O6 MAN F . -5.18 13.48 -5.53
C1 MAN F . -5.67 9.71 -11.26
C2 MAN F . -6.82 8.69 -11.29
C3 MAN F . -6.79 7.73 -10.09
C4 MAN F . -5.40 7.15 -9.94
C5 MAN F . -4.40 8.31 -9.80
C6 MAN F . -3.04 7.67 -9.58
O2 MAN F . -6.73 7.92 -12.50
O3 MAN F . -7.71 6.62 -10.28
O4 MAN F . -5.39 6.29 -8.79
O5 MAN F . -4.38 9.14 -11.00
O6 MAN F . -2.24 8.76 -9.14
C1 MAN F . 3.69 14.33 -3.14
C2 MAN F . 4.72 14.97 -4.05
C3 MAN F . 4.75 14.29 -5.42
C4 MAN F . 5.03 12.78 -5.25
C5 MAN F . 4.38 12.00 -4.04
C6 MAN F . 5.47 11.07 -3.35
O2 MAN F . 5.98 14.88 -3.38
O3 MAN F . 5.79 14.92 -6.26
O4 MAN F . 4.63 12.17 -6.51
O5 MAN F . 3.90 12.90 -2.98
O6 MAN F . 5.46 9.64 -3.30
#